data_3H5V
#
_entry.id   3H5V
#
_cell.length_a   64.003
_cell.length_b   362.993
_cell.length_c   61.434
_cell.angle_alpha   90.00
_cell.angle_beta   90.00
_cell.angle_gamma   90.00
#
_symmetry.space_group_name_H-M   'P 21 21 2'
#
loop_
_entity.id
_entity.type
_entity.pdbx_description
1 polymer 'Glutamate receptor 2'
2 branched 2-acetamido-2-deoxy-beta-D-glucopyranose-(1-4)-2-acetamido-2-deoxy-beta-D-glucopyranose
3 water water
#
_entity_poly.entity_id   1
_entity_poly.type   'polypeptide(L)'
_entity_poly.pdbx_seq_one_letter_code
;IEERGVSSNSIQIGGLFPRGADQEYSAFRVGMVQFSTSEFRLTPHIDNLEVANSFAVTNAFCSQFSRGVYAIFGFYDKKS
VNTITSFCGTLHVSFITPSFPTDGTHPFVIQMRPDLKGALLSLIEYYQWDKFAYLYDSDRGLSTLQAVLDSAAEKKWQVT
AINVGNINNDKKDETYRSLFQDLELKKERRVILDCERDKVNDIVDQVITIGKHVKGYHYIIANLGFTDGDLLKIQFGGAN
VSGFQIVDYDDSLVSKFIERWSTLEEKEYPGAHTATIKYTSALTYDAVQVMTEAFRNLRKQRIEISRRGNAGDCLANPAV
PWGQGVEIERALKQVQVEGLSGNIKFDQNGKRINYTINIMELKTNGPRKIGYWSEVDKMVVTLTELPSLELVPR
;
_entity_poly.pdbx_strand_id   A,B,C
#
# COMPACT_ATOMS: atom_id res chain seq x y z
N SER A 8 35.85 43.01 -9.28
CA SER A 8 34.50 42.94 -8.76
C SER A 8 34.13 41.51 -8.34
N ASN A 9 33.67 40.71 -9.29
CA ASN A 9 33.21 39.35 -9.00
C ASN A 9 32.19 39.34 -7.87
N SER A 10 31.09 40.06 -8.05
CA SER A 10 30.11 40.14 -6.99
C SER A 10 29.10 39.02 -7.20
N ILE A 11 28.98 38.13 -6.21
CA ILE A 11 28.08 36.99 -6.30
C ILE A 11 26.88 37.15 -5.38
N GLN A 12 25.73 37.42 -5.97
CA GLN A 12 24.51 37.69 -5.24
C GLN A 12 23.95 36.41 -4.60
N ILE A 13 23.70 36.44 -3.29
CA ILE A 13 22.97 35.37 -2.61
C ILE A 13 21.87 35.98 -1.76
N GLY A 14 20.91 35.14 -1.39
CA GLY A 14 19.84 35.62 -0.52
C GLY A 14 20.06 35.14 0.90
N GLY A 15 19.50 35.86 1.86
CA GLY A 15 19.60 35.50 3.25
C GLY A 15 18.21 35.60 3.83
N LEU A 16 17.69 34.48 4.28
CA LEU A 16 16.32 34.46 4.81
C LEU A 16 16.38 34.19 6.30
N PHE A 17 16.26 35.24 7.11
CA PHE A 17 16.46 35.12 8.56
C PHE A 17 15.16 35.23 9.37
N PRO A 18 14.97 34.30 10.32
CA PRO A 18 13.82 34.54 11.21
C PRO A 18 14.01 35.82 12.01
N ARG A 19 12.91 36.50 12.31
CA ARG A 19 12.95 37.66 13.20
C ARG A 19 13.46 37.18 14.57
N GLY A 20 14.30 37.98 15.23
CA GLY A 20 14.86 37.59 16.52
C GLY A 20 16.02 36.60 16.44
N ALA A 21 16.43 36.20 15.23
CA ALA A 21 17.60 35.32 15.13
C ALA A 21 18.86 36.18 15.09
N ASP A 22 19.07 36.98 16.15
CA ASP A 22 20.19 37.95 16.18
C ASP A 22 21.56 37.30 16.22
N GLN A 23 21.75 36.31 17.09
CA GLN A 23 23.03 35.64 17.14
C GLN A 23 23.40 35.00 15.78
N GLU A 24 22.44 34.36 15.14
CA GLU A 24 22.69 33.67 13.86
C GLU A 24 23.15 34.68 12.80
N TYR A 25 22.49 35.81 12.77
CA TYR A 25 22.84 36.83 11.84
C TYR A 25 24.21 37.49 12.19
N SER A 26 24.50 37.65 13.47
CA SER A 26 25.84 38.08 13.86
C SER A 26 26.92 37.07 13.39
N ALA A 27 26.69 35.78 13.63
CA ALA A 27 27.60 34.74 13.17
C ALA A 27 27.73 34.77 11.66
N PHE A 28 26.63 35.05 10.95
CA PHE A 28 26.64 35.13 9.49
C PHE A 28 27.57 36.27 9.05
N ARG A 29 27.46 37.42 9.71
CA ARG A 29 28.29 38.59 9.35
C ARG A 29 29.76 38.35 9.68
N VAL A 30 30.02 37.72 10.81
CA VAL A 30 31.39 37.35 11.14
C VAL A 30 31.94 36.39 10.10
N GLY A 31 31.14 35.41 9.68
CA GLY A 31 31.50 34.53 8.58
C GLY A 31 31.84 35.30 7.30
N MET A 32 31.05 36.33 7.00
CA MET A 32 31.32 37.12 5.80
C MET A 32 32.67 37.81 5.91
N VAL A 33 33.03 38.29 7.09
CA VAL A 33 34.37 38.82 7.27
C VAL A 33 35.44 37.72 7.16
N GLN A 34 35.28 36.66 7.94
CA GLN A 34 36.28 35.59 7.98
C GLN A 34 36.61 35.08 6.58
N PHE A 35 35.58 34.77 5.81
CA PHE A 35 35.78 34.10 4.55
C PHE A 35 35.81 35.02 3.35
N SER A 36 35.90 36.33 3.61
CA SER A 36 36.04 37.28 2.51
C SER A 36 37.40 37.06 1.86
N THR A 37 37.48 37.42 0.60
CA THR A 37 38.61 37.09 -0.24
C THR A 37 38.59 38.04 -1.43
N SER A 38 39.74 38.24 -2.05
CA SER A 38 39.85 39.13 -3.21
C SER A 38 39.33 38.43 -4.44
N GLU A 39 39.27 37.10 -4.39
CA GLU A 39 38.75 36.32 -5.49
C GLU A 39 37.38 36.82 -5.93
N PHE A 40 36.42 36.82 -5.02
CA PHE A 40 35.06 37.30 -5.34
C PHE A 40 34.42 37.75 -4.04
N ARG A 41 33.30 38.44 -4.15
CA ARG A 41 32.55 38.85 -2.99
C ARG A 41 31.15 38.21 -3.01
N LEU A 42 30.80 37.49 -1.95
CA LEU A 42 29.40 37.12 -1.74
C LEU A 42 28.62 38.38 -1.40
N THR A 43 27.49 38.59 -2.05
CA THR A 43 26.76 39.84 -1.87
C THR A 43 25.34 39.53 -1.41
N PRO A 44 25.12 39.53 -0.09
CA PRO A 44 23.88 38.96 0.43
C PRO A 44 22.76 39.96 0.38
N HIS A 45 21.59 39.53 -0.07
CA HIS A 45 20.43 40.35 0.14
C HIS A 45 19.61 39.68 1.23
N ILE A 46 19.36 40.44 2.29
CA ILE A 46 18.79 39.92 3.52
C ILE A 46 17.28 40.18 3.63
N ASP A 47 16.52 39.11 3.88
CA ASP A 47 15.13 39.24 4.32
C ASP A 47 14.92 38.69 5.72
N ASN A 48 14.27 39.50 6.53
CA ASN A 48 13.94 39.10 7.89
C ASN A 48 12.45 38.84 7.91
N LEU A 49 12.03 37.69 8.45
CA LEU A 49 10.61 37.33 8.37
C LEU A 49 10.22 36.30 9.37
N GLU A 50 8.92 36.01 9.39
CA GLU A 50 8.34 34.96 10.17
C GLU A 50 8.46 33.65 9.39
N VAL A 51 9.40 32.82 9.81
CA VAL A 51 9.77 31.65 9.04
C VAL A 51 8.67 30.57 9.03
N ALA A 52 7.71 30.68 9.95
CA ALA A 52 6.56 29.78 10.07
C ALA A 52 5.43 30.17 9.15
N ASN A 53 5.57 31.33 8.51
CA ASN A 53 4.53 31.89 7.66
C ASN A 53 4.89 31.61 6.19
N SER A 54 4.20 30.62 5.60
CA SER A 54 4.53 30.15 4.24
C SER A 54 4.32 31.20 3.19
N PHE A 55 3.28 32.01 3.35
CA PHE A 55 3.12 33.17 2.46
C PHE A 55 4.37 34.07 2.50
N ALA A 56 4.83 34.40 3.69
CA ALA A 56 5.99 35.22 3.84
C ALA A 56 7.22 34.57 3.25
N VAL A 57 7.39 33.29 3.48
CA VAL A 57 8.56 32.58 2.97
C VAL A 57 8.51 32.51 1.43
N THR A 58 7.31 32.31 0.87
CA THR A 58 7.17 32.30 -0.58
C THR A 58 7.47 33.68 -1.19
N ASN A 59 6.88 34.74 -0.63
CA ASN A 59 7.21 36.10 -1.03
C ASN A 59 8.69 36.43 -1.02
N ALA A 60 9.37 36.06 0.05
CA ALA A 60 10.79 36.34 0.18
C ALA A 60 11.57 35.50 -0.82
N PHE A 61 11.25 34.21 -0.92
CA PHE A 61 11.92 33.35 -1.89
C PHE A 61 11.83 33.94 -3.31
N CYS A 62 10.62 34.32 -3.69
CA CYS A 62 10.35 34.81 -5.04
C CYS A 62 11.02 36.15 -5.28
N SER A 63 11.12 36.94 -4.22
CA SER A 63 11.77 38.24 -4.32
C SER A 63 13.29 38.08 -4.58
N GLN A 64 13.93 37.16 -3.87
CA GLN A 64 15.30 36.79 -4.15
C GLN A 64 15.45 36.22 -5.55
N PHE A 65 14.56 35.31 -5.90
CA PHE A 65 14.64 34.65 -7.20
C PHE A 65 14.64 35.68 -8.34
N SER A 66 13.69 36.61 -8.30
CA SER A 66 13.59 37.66 -9.31
C SER A 66 14.78 38.65 -9.33
N ARG A 67 15.34 38.95 -8.18
CA ARG A 67 16.58 39.74 -8.13
C ARG A 67 17.71 39.06 -8.88
N GLY A 68 17.75 37.74 -8.86
CA GLY A 68 18.80 37.01 -9.56
C GLY A 68 19.86 36.28 -8.72
N VAL A 69 19.49 35.84 -7.51
CA VAL A 69 20.48 35.22 -6.62
C VAL A 69 21.01 33.89 -7.14
N TYR A 70 22.22 33.55 -6.70
CA TYR A 70 22.86 32.32 -7.15
C TYR A 70 22.67 31.17 -6.18
N ALA A 71 22.10 31.49 -5.01
CA ALA A 71 21.92 30.55 -3.91
C ALA A 71 21.19 31.30 -2.78
N ILE A 72 20.48 30.57 -1.93
CA ILE A 72 19.82 31.23 -0.82
C ILE A 72 20.24 30.57 0.48
N PHE A 73 20.76 31.35 1.41
CA PHE A 73 20.99 30.82 2.74
C PHE A 73 19.81 31.16 3.61
N GLY A 74 19.33 30.22 4.41
CA GLY A 74 18.23 30.59 5.29
C GLY A 74 17.68 29.50 6.18
N PHE A 75 16.52 29.79 6.77
CA PHE A 75 15.89 28.91 7.76
C PHE A 75 14.46 28.56 7.38
N TYR A 76 14.00 27.38 7.78
CA TYR A 76 12.59 27.06 7.65
C TYR A 76 12.12 26.40 8.92
N ASP A 77 10.83 26.15 8.96
CA ASP A 77 10.10 25.60 10.10
C ASP A 77 9.35 24.40 9.50
N LYS A 78 8.70 23.59 10.31
CA LYS A 78 7.96 22.48 9.74
C LYS A 78 6.78 22.99 8.92
N LYS A 79 6.24 24.15 9.31
CA LYS A 79 5.14 24.76 8.56
C LYS A 79 5.57 25.29 7.19
N SER A 80 6.87 25.47 6.97
CA SER A 80 7.33 26.17 5.78
C SER A 80 8.35 25.37 5.01
N VAL A 81 8.78 24.22 5.54
CA VAL A 81 9.83 23.44 4.85
C VAL A 81 9.39 23.01 3.43
N ASN A 82 8.10 22.67 3.27
CA ASN A 82 7.59 22.25 1.96
C ASN A 82 7.54 23.36 0.91
N THR A 83 7.35 24.60 1.33
CA THR A 83 7.47 25.74 0.42
C THR A 83 8.89 25.78 -0.12
N ILE A 84 9.86 25.64 0.79
CA ILE A 84 11.26 25.67 0.40
C ILE A 84 11.69 24.53 -0.50
N THR A 85 11.38 23.29 -0.11
CA THR A 85 11.85 22.15 -0.90
C THR A 85 11.17 22.17 -2.25
N SER A 86 9.92 22.65 -2.28
CA SER A 86 9.18 22.60 -3.53
C SER A 86 9.59 23.69 -4.54
N PHE A 87 9.69 24.93 -4.08
CA PHE A 87 10.25 26.02 -4.89
C PHE A 87 11.70 25.76 -5.31
N CYS A 88 12.53 25.30 -4.39
CA CYS A 88 13.93 25.01 -4.70
C CYS A 88 14.06 23.88 -5.70
N GLY A 89 13.34 22.79 -5.46
CA GLY A 89 13.36 21.67 -6.40
C GLY A 89 12.79 22.02 -7.77
N THR A 90 11.77 22.86 -7.80
CA THR A 90 11.15 23.21 -9.08
C THR A 90 12.06 24.14 -9.89
N LEU A 91 12.73 25.10 -9.24
CA LEU A 91 13.41 26.14 -9.98
C LEU A 91 14.93 25.89 -10.02
N HIS A 92 15.36 24.79 -9.41
CA HIS A 92 16.80 24.51 -9.27
C HIS A 92 17.60 25.60 -8.53
N VAL A 93 16.99 26.24 -7.53
CA VAL A 93 17.72 27.16 -6.67
C VAL A 93 18.16 26.45 -5.38
N SER A 94 19.44 26.55 -5.02
CA SER A 94 19.93 25.83 -3.86
C SER A 94 19.69 26.63 -2.59
N PHE A 95 19.15 25.94 -1.58
CA PHE A 95 18.91 26.51 -0.26
C PHE A 95 19.93 25.86 0.69
N ILE A 96 20.68 26.71 1.38
CA ILE A 96 21.64 26.25 2.39
C ILE A 96 21.09 26.64 3.75
N THR A 97 20.93 25.66 4.64
CA THR A 97 20.19 25.92 5.86
C THR A 97 20.79 25.27 7.11
N PRO A 98 20.71 25.96 8.27
CA PRO A 98 21.01 25.29 9.54
C PRO A 98 19.80 24.57 10.17
N SER A 99 18.63 24.62 9.52
CA SER A 99 17.42 24.01 10.09
C SER A 99 17.40 22.49 10.07
N PHE A 100 16.36 21.91 10.62
CA PHE A 100 16.28 20.46 10.74
C PHE A 100 16.37 19.87 9.34
N PRO A 101 17.07 18.76 9.19
CA PRO A 101 17.19 18.07 7.89
C PRO A 101 15.82 17.70 7.36
N THR A 102 15.59 17.86 6.07
CA THR A 102 14.29 17.50 5.50
C THR A 102 14.06 16.00 5.65
N ASP A 103 12.79 15.62 5.71
CA ASP A 103 12.43 14.21 5.83
C ASP A 103 12.26 13.59 4.44
N GLY A 104 13.38 13.28 3.80
CA GLY A 104 13.39 12.75 2.45
C GLY A 104 14.72 13.10 1.81
N THR A 105 14.78 13.01 0.49
CA THR A 105 16.01 13.25 -0.27
C THR A 105 15.82 14.40 -1.26
N HIS A 106 14.97 15.34 -0.90
CA HIS A 106 14.78 16.55 -1.70
C HIS A 106 16.10 17.12 -2.19
N PRO A 107 16.15 17.39 -3.50
CA PRO A 107 17.30 18.03 -4.13
C PRO A 107 17.35 19.54 -3.80
N PHE A 108 18.50 20.16 -4.09
CA PHE A 108 18.65 21.61 -3.97
C PHE A 108 18.52 22.14 -2.55
N VAL A 109 18.75 21.26 -1.59
CA VAL A 109 18.78 21.66 -0.18
C VAL A 109 20.07 21.18 0.48
N ILE A 110 20.89 22.13 0.89
CA ILE A 110 22.14 21.79 1.54
C ILE A 110 21.90 21.93 3.05
N GLN A 111 21.90 20.81 3.74
CA GLN A 111 21.55 20.76 5.16
C GLN A 111 22.77 20.72 6.09
N MET A 112 23.16 21.89 6.62
CA MET A 112 24.26 22.03 7.58
C MET A 112 24.12 21.16 8.86
N ARG A 113 22.89 20.94 9.29
CA ARG A 113 22.64 20.30 10.57
C ARG A 113 22.65 18.79 10.42
N PRO A 114 23.57 18.12 11.15
CA PRO A 114 23.68 16.65 11.17
C PRO A 114 22.43 16.04 11.76
N ASP A 115 22.07 14.87 11.26
CA ASP A 115 20.96 14.10 11.80
C ASP A 115 21.29 13.67 13.22
N LEU A 116 20.33 13.77 14.13
CA LEU A 116 20.56 13.43 15.53
C LEU A 116 20.04 12.03 15.94
N LYS A 117 19.14 11.48 15.14
CA LYS A 117 18.40 10.26 15.48
C LYS A 117 19.31 9.10 15.84
N GLY A 118 20.25 8.78 14.97
CA GLY A 118 21.19 7.71 15.22
C GLY A 118 21.80 7.85 16.60
N ALA A 119 22.42 9.01 16.84
CA ALA A 119 23.14 9.25 18.08
C ALA A 119 22.20 9.08 19.27
N LEU A 120 20.99 9.59 19.11
CA LEU A 120 19.98 9.49 20.15
C LEU A 120 19.62 8.03 20.42
N LEU A 121 19.45 7.25 19.37
CA LEU A 121 19.07 5.85 19.57
C LEU A 121 20.20 5.09 20.27
N SER A 122 21.43 5.35 19.87
CA SER A 122 22.59 4.71 20.48
C SER A 122 22.76 5.09 21.94
N LEU A 123 22.38 6.32 22.27
CA LEU A 123 22.55 6.80 23.64
C LEU A 123 21.58 6.08 24.56
N ILE A 124 20.36 5.93 24.07
CA ILE A 124 19.31 5.16 24.72
C ILE A 124 19.82 3.75 24.98
N GLU A 125 20.36 3.11 23.97
CA GLU A 125 20.89 1.75 24.14
C GLU A 125 22.03 1.75 25.12
N TYR A 126 22.84 2.79 25.03
CA TYR A 126 24.02 2.90 25.85
C TYR A 126 23.65 2.88 27.33
N TYR A 127 22.58 3.59 27.70
CA TYR A 127 22.14 3.59 29.09
C TYR A 127 21.23 2.41 29.33
N GLN A 128 21.03 1.59 28.31
CA GLN A 128 20.27 0.37 28.44
C GLN A 128 18.84 0.63 28.89
N TRP A 129 18.25 1.70 28.39
CA TRP A 129 16.84 1.97 28.64
C TRP A 129 15.97 1.04 27.83
N ASP A 130 14.90 0.54 28.44
CA ASP A 130 13.89 -0.21 27.71
C ASP A 130 12.49 0.31 28.01
N LYS A 131 12.44 1.40 28.77
CA LYS A 131 11.20 2.04 29.19
C LYS A 131 11.47 3.49 29.61
N PHE A 132 10.81 4.42 28.92
CA PHE A 132 11.04 5.85 29.15
C PHE A 132 9.90 6.66 28.54
N ALA A 133 9.90 7.95 28.85
CA ALA A 133 8.96 8.87 28.23
C ALA A 133 9.70 9.66 27.16
N TYR A 134 9.03 9.89 26.04
CA TYR A 134 9.56 10.73 24.97
C TYR A 134 8.63 11.95 24.84
N LEU A 135 9.08 13.09 25.34
CA LEU A 135 8.28 14.32 25.34
C LEU A 135 8.77 15.24 24.23
N TYR A 136 7.90 15.54 23.29
CA TYR A 136 8.33 16.19 22.08
C TYR A 136 7.37 17.28 21.69
N ASP A 137 7.85 18.18 20.84
CA ASP A 137 6.96 18.95 19.96
C ASP A 137 7.35 18.68 18.50
N SER A 138 6.65 19.31 17.57
CA SER A 138 6.74 18.88 16.15
C SER A 138 7.38 19.92 15.25
N ASP A 139 7.95 20.95 15.86
CA ASP A 139 8.49 22.06 15.08
C ASP A 139 9.59 21.62 14.13
N ARG A 140 10.22 20.49 14.43
CA ARG A 140 11.26 19.94 13.57
C ARG A 140 10.77 18.68 12.89
N GLY A 141 9.45 18.53 12.81
CA GLY A 141 8.85 17.35 12.20
C GLY A 141 8.80 16.18 13.17
N LEU A 142 8.39 15.02 12.67
CA LEU A 142 8.08 13.84 13.50
C LEU A 142 8.94 12.64 13.16
N SER A 143 10.00 12.91 12.41
CA SER A 143 10.98 11.91 12.03
C SER A 143 11.50 11.14 13.23
N THR A 144 11.86 11.87 14.28
CA THR A 144 12.48 11.29 15.46
C THR A 144 11.48 10.44 16.25
N LEU A 145 10.25 10.95 16.40
CA LEU A 145 9.17 10.17 16.98
C LEU A 145 9.03 8.84 16.25
N GLN A 146 9.02 8.87 14.93
CA GLN A 146 8.90 7.64 14.17
C GLN A 146 10.09 6.75 14.41
N ALA A 147 11.27 7.35 14.57
CA ALA A 147 12.46 6.53 14.73
C ALA A 147 12.39 5.81 16.06
N VAL A 148 11.94 6.49 17.11
CA VAL A 148 11.84 5.81 18.40
C VAL A 148 10.67 4.81 18.47
N LEU A 149 9.56 5.09 17.80
CA LEU A 149 8.46 4.12 17.79
C LEU A 149 8.90 2.85 17.07
N ASP A 150 9.54 3.02 15.92
CA ASP A 150 10.12 1.89 15.19
C ASP A 150 11.07 1.09 16.06
N SER A 151 11.95 1.76 16.78
CA SER A 151 12.87 1.03 17.65
C SER A 151 12.09 0.35 18.78
N ALA A 152 11.11 1.05 19.34
CA ALA A 152 10.34 0.48 20.42
C ALA A 152 9.78 -0.86 19.95
N ALA A 153 8.98 -0.82 18.89
CA ALA A 153 8.42 -2.06 18.34
C ALA A 153 9.49 -3.15 18.15
N GLU A 154 10.66 -2.76 17.64
CA GLU A 154 11.70 -3.73 17.30
C GLU A 154 12.54 -4.25 18.48
N LYS A 155 12.63 -3.51 19.57
CA LYS A 155 13.47 -3.93 20.72
C LYS A 155 12.66 -4.20 22.00
N LYS A 156 11.35 -4.09 21.88
CA LYS A 156 10.42 -4.29 23.00
C LYS A 156 10.59 -3.26 24.11
N TRP A 157 10.70 -2.00 23.70
CA TRP A 157 10.72 -0.88 24.64
C TRP A 157 9.29 -0.44 24.97
N GLN A 158 9.08 0.01 26.20
CA GLN A 158 7.81 0.62 26.57
C GLN A 158 7.99 2.13 26.60
N VAL A 159 7.61 2.80 25.50
CA VAL A 159 7.78 4.24 25.40
C VAL A 159 6.48 5.01 25.64
N THR A 160 6.50 5.96 26.55
CA THR A 160 5.35 6.86 26.67
C THR A 160 5.61 8.12 25.85
N ALA A 161 5.00 8.21 24.68
CA ALA A 161 5.25 9.32 23.77
C ALA A 161 4.17 10.39 23.80
N ILE A 162 4.52 11.57 24.31
CA ILE A 162 3.56 12.66 24.49
C ILE A 162 3.94 14.00 23.85
N ASN A 163 3.02 14.51 23.03
CA ASN A 163 3.16 15.81 22.39
C ASN A 163 2.98 16.96 23.37
N VAL A 164 4.09 17.58 23.77
CA VAL A 164 3.98 18.68 24.73
C VAL A 164 3.94 20.01 23.98
N GLY A 165 3.98 19.94 22.65
CA GLY A 165 3.98 21.15 21.84
C GLY A 165 2.73 21.99 21.93
N ASN A 166 1.63 21.42 22.42
CA ASN A 166 0.35 22.13 22.33
C ASN A 166 -0.27 22.49 23.67
N ILE A 167 0.57 22.78 24.65
CA ILE A 167 0.12 23.27 25.92
C ILE A 167 0.04 24.78 25.86
N ASN A 168 -1.17 25.33 25.78
CA ASN A 168 -1.32 26.78 25.71
C ASN A 168 -0.65 27.48 26.90
N ASN A 169 0.40 28.25 26.62
CA ASN A 169 1.16 28.96 27.64
C ASN A 169 0.33 30.02 28.33
N ASP A 170 -0.94 30.07 27.99
CA ASP A 170 -1.86 31.04 28.57
C ASP A 170 -2.59 30.45 29.77
N LYS A 171 -2.49 29.13 29.92
CA LYS A 171 -3.10 28.41 31.04
C LYS A 171 -2.29 27.15 31.33
N LYS A 172 -1.01 27.19 30.98
CA LYS A 172 -0.13 26.04 30.93
C LYS A 172 0.42 25.63 32.28
N ASP A 173 -0.41 25.07 33.16
CA ASP A 173 0.06 24.66 34.50
C ASP A 173 -0.72 23.47 35.05
N GLU A 174 -2.05 23.54 34.98
CA GLU A 174 -2.87 22.37 35.21
C GLU A 174 -2.49 21.32 34.17
N THR A 175 -2.05 21.82 33.02
CA THR A 175 -1.65 20.94 31.94
C THR A 175 -0.39 20.19 32.36
N TYR A 176 0.54 20.86 33.03
CA TYR A 176 1.72 20.14 33.54
C TYR A 176 1.41 19.09 34.61
N ARG A 177 0.53 19.41 35.56
CA ARG A 177 0.21 18.48 36.64
C ARG A 177 -0.35 17.17 36.08
N SER A 178 -1.16 17.31 35.04
CA SER A 178 -1.85 16.18 34.43
C SER A 178 -0.84 15.39 33.60
N LEU A 179 0.12 16.08 32.99
CA LEU A 179 1.22 15.42 32.31
C LEU A 179 2.00 14.51 33.24
N PHE A 180 2.45 15.08 34.36
CA PHE A 180 3.16 14.31 35.37
C PHE A 180 2.29 13.26 36.09
N GLN A 181 0.99 13.53 36.22
CA GLN A 181 0.08 12.49 36.69
C GLN A 181 0.06 11.28 35.75
N ASP A 182 0.02 11.55 34.45
CA ASP A 182 0.04 10.48 33.44
C ASP A 182 1.37 9.73 33.50
N LEU A 183 2.46 10.48 33.59
CA LEU A 183 3.81 9.92 33.73
C LEU A 183 3.95 9.10 35.02
N GLU A 184 3.22 9.50 36.06
CA GLU A 184 3.39 8.87 37.36
C GLU A 184 2.70 7.52 37.40
N LEU A 185 1.76 7.32 36.47
CA LEU A 185 0.97 6.08 36.42
C LEU A 185 1.87 4.86 36.40
N LYS A 186 2.99 4.96 35.69
CA LYS A 186 3.94 3.85 35.66
C LYS A 186 5.27 4.25 36.29
N LYS A 187 5.22 5.26 37.16
CA LYS A 187 6.42 5.75 37.82
C LYS A 187 7.59 6.03 36.84
N GLU A 188 7.30 6.73 35.73
CA GLU A 188 8.33 7.13 34.76
C GLU A 188 9.48 7.97 35.38
N ARG A 189 10.72 7.53 35.18
CA ARG A 189 11.88 8.21 35.78
C ARG A 189 12.97 8.51 34.75
N ARG A 190 12.88 7.87 33.59
CA ARG A 190 13.76 8.17 32.46
C ARG A 190 13.01 8.92 31.35
N VAL A 191 13.53 10.08 30.99
CA VAL A 191 12.78 11.02 30.19
C VAL A 191 13.61 11.67 29.08
N ILE A 192 13.10 11.61 27.86
CA ILE A 192 13.71 12.34 26.75
C ILE A 192 12.91 13.59 26.45
N LEU A 193 13.63 14.68 26.30
CA LEU A 193 13.10 15.96 25.97
C LEU A 193 13.53 16.33 24.57
N ASP A 194 12.60 16.32 23.63
CA ASP A 194 12.92 16.65 22.25
C ASP A 194 12.01 17.76 21.81
N CYS A 195 12.35 18.98 22.20
CA CYS A 195 11.45 20.12 22.06
C CYS A 195 12.23 21.34 21.59
N GLU A 196 11.51 22.37 21.17
CA GLU A 196 12.08 23.69 20.93
C GLU A 196 12.75 24.21 22.21
N ARG A 197 13.89 24.90 22.08
CA ARG A 197 14.71 25.22 23.26
C ARG A 197 14.01 25.93 24.44
N ASP A 198 13.15 26.89 24.16
CA ASP A 198 12.34 27.46 25.23
C ASP A 198 11.39 26.43 25.86
N LYS A 199 11.00 25.41 25.09
CA LYS A 199 10.11 24.37 25.60
C LYS A 199 10.84 23.51 26.64
N VAL A 200 12.09 23.19 26.35
CA VAL A 200 12.92 22.44 27.28
C VAL A 200 13.01 23.20 28.60
N ASN A 201 13.32 24.49 28.52
CA ASN A 201 13.46 25.33 29.71
C ASN A 201 12.20 25.43 30.54
N ASP A 202 11.07 25.54 29.86
CA ASP A 202 9.77 25.48 30.53
C ASP A 202 9.59 24.17 31.26
N ILE A 203 10.04 23.07 30.65
CA ILE A 203 9.82 21.75 31.21
C ILE A 203 10.79 21.51 32.35
N VAL A 204 12.02 21.98 32.17
CA VAL A 204 13.00 21.93 33.23
C VAL A 204 12.52 22.70 34.48
N ASP A 205 12.06 23.95 34.34
CA ASP A 205 11.47 24.64 35.49
C ASP A 205 10.37 23.80 36.12
N GLN A 206 9.52 23.24 35.27
CA GLN A 206 8.38 22.48 35.77
C GLN A 206 8.85 21.29 36.60
N VAL A 207 9.87 20.59 36.10
CA VAL A 207 10.48 19.47 36.83
C VAL A 207 11.05 19.92 38.17
N ILE A 208 11.91 20.94 38.14
CA ILE A 208 12.52 21.46 39.34
C ILE A 208 11.43 21.75 40.38
N THR A 209 10.34 22.37 39.93
CA THR A 209 9.32 22.85 40.84
C THR A 209 8.64 21.73 41.63
N ILE A 210 8.37 20.60 40.99
CA ILE A 210 7.69 19.51 41.68
C ILE A 210 8.67 18.49 42.26
N GLY A 211 9.95 18.85 42.25
CA GLY A 211 10.99 18.02 42.82
C GLY A 211 11.37 16.78 42.03
N LYS A 212 11.24 16.84 40.70
CA LYS A 212 11.58 15.65 39.91
C LYS A 212 12.94 15.77 39.25
N HIS A 213 13.77 16.63 39.84
CA HIS A 213 15.13 16.87 39.35
C HIS A 213 16.12 16.22 40.30
N VAL A 214 15.61 15.40 41.22
CA VAL A 214 16.46 14.72 42.20
C VAL A 214 17.01 13.42 41.67
N LYS A 215 17.86 12.79 42.47
CA LYS A 215 18.43 11.50 42.14
C LYS A 215 17.32 10.48 41.88
N GLY A 216 17.51 9.64 40.88
CA GLY A 216 16.51 8.65 40.53
C GLY A 216 15.80 9.07 39.25
N TYR A 217 16.02 10.32 38.84
CA TYR A 217 15.58 10.74 37.52
C TYR A 217 16.76 10.88 36.56
N HIS A 218 16.48 10.72 35.28
CA HIS A 218 17.50 10.88 34.27
C HIS A 218 16.88 11.44 32.99
N TYR A 219 17.35 12.63 32.59
CA TYR A 219 16.85 13.32 31.40
C TYR A 219 17.88 13.34 30.30
N ILE A 220 17.44 13.00 29.08
CA ILE A 220 18.24 13.20 27.89
C ILE A 220 17.66 14.38 27.10
N ILE A 221 18.48 15.43 26.91
CA ILE A 221 18.08 16.58 26.10
C ILE A 221 18.43 16.24 24.65
N ALA A 222 17.40 15.99 23.84
CA ALA A 222 17.61 15.56 22.46
C ALA A 222 17.75 16.75 21.51
N ASN A 223 18.84 17.51 21.62
CA ASN A 223 19.21 18.52 20.62
C ASN A 223 20.74 18.59 20.52
N LEU A 224 21.26 19.35 19.55
CA LEU A 224 22.72 19.35 19.30
C LEU A 224 23.48 20.43 20.09
N GLY A 225 22.79 21.11 21.00
CA GLY A 225 23.41 22.14 21.80
C GLY A 225 23.15 21.99 23.29
N PHE A 226 23.65 20.88 23.86
CA PHE A 226 23.56 20.61 25.32
C PHE A 226 23.85 21.82 26.18
N THR A 227 24.96 22.51 25.90
CA THR A 227 25.40 23.63 26.73
C THR A 227 24.93 24.98 26.19
N ASP A 228 24.06 24.99 25.17
CA ASP A 228 23.57 26.25 24.61
C ASP A 228 22.65 27.03 25.55
N GLY A 229 21.99 26.33 26.45
CA GLY A 229 21.14 26.98 27.45
C GLY A 229 21.54 26.69 28.89
N ASP A 230 20.62 26.90 29.82
CA ASP A 230 21.01 27.01 31.22
C ASP A 230 20.92 25.69 31.97
N LEU A 231 22.07 25.06 32.18
CA LEU A 231 22.13 23.78 32.84
C LEU A 231 22.27 23.94 34.36
N LEU A 232 22.83 25.06 34.79
CA LEU A 232 23.10 25.29 36.21
C LEU A 232 21.89 25.00 37.08
N LYS A 233 20.69 25.31 36.59
CA LYS A 233 19.50 25.11 37.42
C LYS A 233 19.12 23.67 37.71
N ILE A 234 19.65 22.70 36.94
CA ILE A 234 19.42 21.29 37.27
C ILE A 234 20.71 20.58 37.61
N GLN A 235 21.76 21.36 37.85
CA GLN A 235 23.09 20.80 38.05
C GLN A 235 23.27 20.21 39.46
N PHE A 236 22.44 20.63 40.40
CA PHE A 236 22.67 20.27 41.82
C PHE A 236 21.55 19.50 42.48
N GLY A 237 20.48 19.24 41.74
CA GLY A 237 19.37 18.51 42.30
C GLY A 237 19.62 17.03 42.52
N GLY A 238 20.47 16.42 41.69
CA GLY A 238 20.77 14.99 41.80
C GLY A 238 20.38 14.13 40.59
N ALA A 239 19.47 14.63 39.76
CA ALA A 239 19.06 13.89 38.54
C ALA A 239 20.24 13.74 37.59
N ASN A 240 20.28 12.63 36.85
CA ASN A 240 21.17 12.54 35.68
C ASN A 240 20.67 13.42 34.53
N VAL A 241 21.58 14.10 33.86
CA VAL A 241 21.23 14.85 32.67
C VAL A 241 22.28 14.59 31.58
N SER A 242 21.81 14.18 30.41
CA SER A 242 22.71 13.88 29.30
C SER A 242 22.24 14.58 28.05
N GLY A 243 23.12 14.68 27.07
CA GLY A 243 22.85 15.47 25.88
C GLY A 243 23.92 15.33 24.83
N PHE A 244 23.82 16.20 23.81
CA PHE A 244 24.62 16.13 22.60
C PHE A 244 25.17 17.49 22.26
N GLN A 245 26.33 17.50 21.62
CA GLN A 245 27.02 18.76 21.39
C GLN A 245 27.77 18.63 20.07
N ILE A 246 27.40 19.40 19.09
CA ILE A 246 28.15 19.34 17.83
C ILE A 246 29.32 20.36 17.81
N VAL A 247 29.24 21.40 18.62
CA VAL A 247 30.31 22.40 18.70
C VAL A 247 31.30 22.06 19.84
N ASP A 248 32.55 21.75 19.48
CA ASP A 248 33.49 21.26 20.48
C ASP A 248 34.46 22.35 20.93
N TYR A 249 34.21 22.94 22.10
CA TYR A 249 35.02 24.04 22.61
C TYR A 249 36.49 23.68 22.89
N ASP A 250 36.83 22.39 22.85
CA ASP A 250 38.23 21.98 22.93
C ASP A 250 38.95 21.97 21.57
N ASP A 251 38.22 21.99 20.45
CA ASP A 251 38.92 22.15 19.16
C ASP A 251 39.61 23.49 19.14
N SER A 252 40.86 23.49 18.69
CA SER A 252 41.62 24.72 18.58
C SER A 252 40.89 25.72 17.65
N LEU A 253 40.33 25.20 16.58
CA LEU A 253 39.53 26.01 15.66
C LEU A 253 38.37 26.71 16.37
N VAL A 254 37.63 25.96 17.19
CA VAL A 254 36.52 26.56 17.92
C VAL A 254 37.00 27.55 19.00
N SER A 255 38.04 27.13 19.70
CA SER A 255 38.68 27.87 20.78
C SER A 255 39.13 29.27 20.32
N LYS A 256 39.82 29.31 19.18
CA LYS A 256 40.23 30.55 18.55
C LYS A 256 39.05 31.44 18.17
N PHE A 257 38.03 30.86 17.56
CA PHE A 257 36.85 31.62 17.15
C PHE A 257 36.18 32.25 18.37
N ILE A 258 36.07 31.48 19.45
CA ILE A 258 35.47 31.97 20.70
C ILE A 258 36.25 33.11 21.37
N GLU A 259 37.57 33.04 21.31
CA GLU A 259 38.43 34.18 21.69
C GLU A 259 37.99 35.51 21.03
N ARG A 260 37.76 35.48 19.73
CA ARG A 260 37.20 36.65 19.06
C ARG A 260 35.72 36.87 19.40
N TRP A 261 34.90 35.84 19.22
CA TRP A 261 33.46 35.95 19.45
C TRP A 261 33.14 36.58 20.80
N SER A 262 33.81 36.09 21.84
CA SER A 262 33.56 36.49 23.22
C SER A 262 33.87 37.96 23.49
N THR A 263 34.70 38.59 22.67
CA THR A 263 34.97 40.01 22.87
C THR A 263 34.30 40.97 21.88
N LEU A 264 33.64 40.44 20.85
CA LEU A 264 32.97 41.30 19.87
C LEU A 264 32.05 42.30 20.58
N GLU A 265 31.93 43.49 20.02
CA GLU A 265 31.01 44.48 20.54
C GLU A 265 29.54 44.06 20.40
N GLU A 266 28.91 43.79 21.53
CA GLU A 266 27.54 43.31 21.59
C GLU A 266 26.55 44.23 20.91
N LYS A 267 26.80 45.54 20.94
CA LYS A 267 25.89 46.47 20.26
C LYS A 267 25.93 46.26 18.76
N GLU A 268 27.11 45.96 18.26
CA GLU A 268 27.29 45.75 16.84
C GLU A 268 27.00 44.29 16.46
N TYR A 269 27.28 43.35 17.37
CA TYR A 269 27.07 41.92 17.11
C TYR A 269 26.16 41.27 18.14
N PRO A 270 24.86 41.59 18.10
CA PRO A 270 23.96 41.07 19.14
C PRO A 270 23.98 39.55 19.20
N GLY A 271 24.12 39.05 20.41
CA GLY A 271 24.22 37.65 20.66
C GLY A 271 25.64 37.21 20.78
N ALA A 272 26.58 38.07 20.44
CA ALA A 272 27.98 37.68 20.40
C ALA A 272 28.95 38.15 21.46
N HIS A 273 28.56 38.42 22.67
CA HIS A 273 29.69 38.73 23.60
C HIS A 273 29.75 37.64 24.65
N THR A 274 29.93 36.39 24.22
CA THR A 274 29.73 35.24 25.09
C THR A 274 30.76 34.14 24.89
N ALA A 275 30.74 33.16 25.79
CA ALA A 275 31.75 32.12 25.87
C ALA A 275 31.31 30.94 25.06
N THR A 276 30.06 30.98 24.63
CA THR A 276 29.49 29.90 23.87
C THR A 276 28.79 30.51 22.70
N ILE A 277 28.53 29.70 21.70
CA ILE A 277 27.75 30.12 20.54
C ILE A 277 26.73 29.01 20.29
N LYS A 278 25.47 29.36 20.05
CA LYS A 278 24.46 28.32 19.79
C LYS A 278 24.79 27.56 18.52
N TYR A 279 24.42 26.29 18.48
CA TYR A 279 24.84 25.46 17.37
C TYR A 279 24.25 25.94 16.05
N THR A 280 23.08 26.59 16.09
CA THR A 280 22.49 27.11 14.87
C THR A 280 23.29 28.29 14.34
N SER A 281 23.87 29.05 15.26
CA SER A 281 24.71 30.17 14.88
C SER A 281 26.06 29.63 14.38
N ALA A 282 26.58 28.58 15.00
CA ALA A 282 27.83 28.00 14.49
C ALA A 282 27.67 27.45 13.06
N LEU A 283 26.54 26.80 12.80
CA LEU A 283 26.22 26.26 11.50
C LEU A 283 26.01 27.38 10.46
N THR A 284 25.50 28.53 10.91
CA THR A 284 25.34 29.68 10.02
C THR A 284 26.70 30.20 9.55
N TYR A 285 27.63 30.32 10.50
CA TYR A 285 29.02 30.65 10.24
C TYR A 285 29.65 29.62 9.29
N ASP A 286 29.49 28.34 9.59
CA ASP A 286 30.03 27.28 8.73
C ASP A 286 29.42 27.29 7.31
N ALA A 287 28.17 27.72 7.17
CA ALA A 287 27.49 27.79 5.90
C ALA A 287 28.12 28.85 5.00
N VAL A 288 28.58 29.95 5.58
CA VAL A 288 29.29 30.95 4.80
C VAL A 288 30.57 30.38 4.21
N GLN A 289 31.28 29.56 4.99
CA GLN A 289 32.46 28.86 4.45
C GLN A 289 32.10 27.90 3.30
N VAL A 290 31.04 27.12 3.47
CA VAL A 290 30.58 26.21 2.44
C VAL A 290 30.18 26.91 1.12
N MET A 291 29.36 27.95 1.20
CA MET A 291 28.99 28.68 0.00
C MET A 291 30.21 29.29 -0.66
N THR A 292 31.10 29.85 0.16
CA THR A 292 32.30 30.45 -0.39
C THR A 292 33.14 29.46 -1.16
N GLU A 293 33.31 28.25 -0.59
CA GLU A 293 34.12 27.20 -1.20
C GLU A 293 33.49 26.68 -2.47
N ALA A 294 32.17 26.72 -2.52
CA ALA A 294 31.43 26.17 -3.64
C ALA A 294 31.71 27.05 -4.84
N PHE A 295 31.48 28.35 -4.68
CA PHE A 295 31.75 29.29 -5.77
C PHE A 295 33.22 29.33 -6.13
N ARG A 296 34.10 29.18 -5.15
CA ARG A 296 35.54 29.08 -5.47
C ARG A 296 35.81 27.85 -6.33
N ASN A 297 35.15 26.74 -6.03
CA ASN A 297 35.48 25.50 -6.71
C ASN A 297 35.00 25.55 -8.16
N LEU A 298 33.83 26.14 -8.36
CA LEU A 298 33.27 26.36 -9.67
C LEU A 298 34.23 27.18 -10.53
N ARG A 299 34.72 28.30 -9.96
CA ARG A 299 35.67 29.15 -10.66
C ARG A 299 36.95 28.39 -10.97
N LYS A 300 37.38 27.57 -10.02
CA LYS A 300 38.58 26.75 -10.14
C LYS A 300 38.39 25.68 -11.21
N GLN A 301 37.14 25.33 -11.46
CA GLN A 301 36.81 24.34 -12.47
C GLN A 301 36.42 25.01 -13.77
N ARG A 302 36.43 26.34 -13.76
CA ARG A 302 36.18 27.11 -14.97
C ARG A 302 34.75 26.89 -15.44
N ILE A 303 33.84 26.73 -14.49
CA ILE A 303 32.44 26.53 -14.81
C ILE A 303 31.69 27.85 -14.69
N GLU A 304 31.31 28.40 -15.83
CA GLU A 304 30.61 29.68 -15.86
C GLU A 304 29.16 29.52 -15.41
N ILE A 305 28.76 30.34 -14.45
CA ILE A 305 27.39 30.27 -13.92
C ILE A 305 26.67 31.59 -14.00
N SER A 306 27.33 32.58 -14.58
CA SER A 306 26.76 33.91 -14.71
C SER A 306 25.41 33.90 -15.43
N ARG A 307 24.42 34.57 -14.84
CA ARG A 307 23.10 34.73 -15.48
C ARG A 307 23.17 35.57 -16.75
N ARG A 308 22.50 35.10 -17.79
CA ARG A 308 22.46 35.86 -19.02
C ARG A 308 21.27 36.84 -19.01
N GLY A 309 20.09 36.34 -18.65
CA GLY A 309 18.91 37.19 -18.57
C GLY A 309 18.38 37.28 -17.16
N ASN A 310 17.21 37.90 -17.01
CA ASN A 310 16.55 37.99 -15.72
C ASN A 310 15.94 36.65 -15.33
N ALA A 311 15.98 36.32 -14.04
CA ALA A 311 15.36 35.11 -13.58
C ALA A 311 13.87 35.18 -13.90
N GLY A 312 13.30 36.39 -13.85
CA GLY A 312 11.88 36.58 -14.12
C GLY A 312 11.03 36.24 -12.89
N ASP A 313 9.75 35.98 -13.12
CA ASP A 313 8.77 35.64 -12.09
C ASP A 313 8.90 34.19 -11.60
N CYS A 314 8.96 33.99 -10.28
CA CYS A 314 9.08 32.63 -9.74
C CYS A 314 7.88 31.79 -10.13
N LEU A 315 6.77 32.46 -10.47
CA LEU A 315 5.55 31.78 -10.91
C LEU A 315 5.36 31.73 -12.44
N ALA A 316 6.38 32.10 -13.22
CA ALA A 316 6.25 31.94 -14.68
C ALA A 316 5.82 30.50 -14.98
N ASN A 317 4.98 30.38 -15.98
CA ASN A 317 4.40 29.13 -16.36
C ASN A 317 4.64 29.06 -17.86
N PRO A 318 5.40 28.04 -18.34
CA PRO A 318 5.97 26.92 -17.58
C PRO A 318 7.20 27.30 -16.78
N ALA A 319 7.40 26.60 -15.68
CA ALA A 319 8.58 26.76 -14.84
C ALA A 319 9.76 26.08 -15.53
N VAL A 320 10.69 26.86 -16.07
CA VAL A 320 11.85 26.26 -16.74
C VAL A 320 13.15 26.55 -15.96
N PRO A 321 13.72 25.52 -15.33
CA PRO A 321 14.87 25.74 -14.45
C PRO A 321 16.08 26.24 -15.23
N TRP A 322 16.87 27.12 -14.64
CA TRP A 322 18.10 27.53 -15.30
C TRP A 322 19.05 26.33 -15.34
N GLY A 323 19.84 26.26 -16.41
CA GLY A 323 20.80 25.19 -16.62
C GLY A 323 21.95 25.20 -15.63
N GLN A 324 22.32 26.37 -15.13
CA GLN A 324 23.40 26.39 -14.15
C GLN A 324 22.98 25.88 -12.75
N GLY A 325 21.67 25.84 -12.47
CA GLY A 325 21.21 25.29 -11.19
C GLY A 325 21.89 24.00 -10.75
N VAL A 326 21.84 22.96 -11.58
CA VAL A 326 22.46 21.68 -11.25
C VAL A 326 23.94 21.82 -10.89
N GLU A 327 24.62 22.74 -11.57
CA GLU A 327 26.06 22.97 -11.37
C GLU A 327 26.33 23.56 -10.01
N ILE A 328 25.47 24.46 -9.59
CA ILE A 328 25.64 25.11 -8.32
C ILE A 328 25.31 24.10 -7.20
N GLU A 329 24.22 23.35 -7.35
CA GLU A 329 23.87 22.31 -6.39
C GLU A 329 25.09 21.38 -6.18
N ARG A 330 25.65 20.90 -7.27
CA ARG A 330 26.80 19.98 -7.19
C ARG A 330 28.03 20.57 -6.51
N ALA A 331 28.39 21.78 -6.87
CA ALA A 331 29.52 22.43 -6.20
C ALA A 331 29.35 22.48 -4.67
N LEU A 332 28.18 22.92 -4.19
CA LEU A 332 27.90 22.96 -2.77
C LEU A 332 27.96 21.58 -2.13
N LYS A 333 27.43 20.57 -2.80
CA LYS A 333 27.36 19.24 -2.18
C LYS A 333 28.73 18.58 -2.14
N GLN A 334 29.65 19.07 -2.94
CA GLN A 334 30.98 18.47 -2.97
C GLN A 334 31.99 19.16 -2.05
N VAL A 335 31.54 20.21 -1.36
CA VAL A 335 32.44 20.90 -0.46
C VAL A 335 32.80 20.00 0.73
N GLN A 336 34.08 19.92 1.01
CA GLN A 336 34.51 19.31 2.25
C GLN A 336 35.44 20.28 2.97
N VAL A 337 35.02 20.75 4.14
CA VAL A 337 35.85 21.66 4.92
C VAL A 337 35.73 21.36 6.40
N GLU A 338 36.58 22.04 7.17
CA GLU A 338 36.56 21.96 8.63
C GLU A 338 35.91 23.25 9.15
N GLY A 339 34.98 23.14 10.10
CA GLY A 339 34.35 24.32 10.66
C GLY A 339 34.04 24.23 12.15
N LEU A 340 33.26 25.17 12.68
CA LEU A 340 32.85 25.15 14.08
C LEU A 340 32.15 23.83 14.44
N SER A 341 31.46 23.25 13.48
CA SER A 341 30.71 22.04 13.75
C SER A 341 31.48 20.82 13.28
N GLY A 342 32.80 20.92 13.27
CA GLY A 342 33.67 19.78 12.96
C GLY A 342 33.81 19.56 11.47
N ASN A 343 34.06 18.31 11.08
CA ASN A 343 34.19 17.94 9.67
C ASN A 343 32.88 18.09 8.91
N ILE A 344 32.87 18.91 7.88
CA ILE A 344 31.68 19.16 7.08
C ILE A 344 31.78 18.50 5.71
N LYS A 345 30.90 17.54 5.45
CA LYS A 345 30.87 16.83 4.16
C LYS A 345 29.44 16.40 3.90
N PHE A 346 29.04 16.34 2.63
CA PHE A 346 27.66 16.01 2.30
C PHE A 346 27.55 14.81 1.40
N ASP A 347 26.43 14.10 1.49
CA ASP A 347 26.08 13.10 0.48
C ASP A 347 25.32 13.75 -0.69
N GLN A 348 24.90 12.93 -1.65
CA GLN A 348 24.28 13.45 -2.85
C GLN A 348 22.95 14.15 -2.56
N ASN A 349 22.41 13.92 -1.37
CA ASN A 349 21.17 14.58 -0.97
C ASN A 349 21.33 15.82 -0.06
N GLY A 350 22.57 16.31 0.03
CA GLY A 350 22.88 17.43 0.91
C GLY A 350 22.81 17.13 2.40
N LYS A 351 22.86 15.87 2.81
CA LYS A 351 22.87 15.56 4.24
C LYS A 351 24.30 15.42 4.69
N ARG A 352 24.57 15.91 5.89
CA ARG A 352 25.89 15.78 6.49
C ARG A 352 26.30 14.32 6.62
N ILE A 353 27.54 14.03 6.25
CA ILE A 353 28.12 12.72 6.53
C ILE A 353 29.52 12.84 7.11
N ASN A 354 29.99 11.78 7.74
CA ASN A 354 31.34 11.76 8.24
C ASN A 354 31.49 12.84 9.31
N TYR A 355 30.42 13.04 10.08
CA TYR A 355 30.49 13.97 11.17
C TYR A 355 30.56 13.27 12.53
N THR A 356 30.83 14.05 13.57
CA THR A 356 30.92 13.50 14.90
C THR A 356 30.01 14.29 15.83
N ILE A 357 29.26 13.58 16.66
CA ILE A 357 28.51 14.22 17.74
C ILE A 357 29.06 13.86 19.13
N ASN A 358 29.42 14.87 19.91
CA ASN A 358 29.89 14.59 21.28
C ASN A 358 28.73 14.27 22.21
N ILE A 359 28.92 13.24 23.02
CA ILE A 359 27.94 12.86 24.03
C ILE A 359 28.33 13.47 25.38
N MET A 360 27.39 14.17 26.01
CA MET A 360 27.68 14.91 27.24
C MET A 360 26.84 14.46 28.44
N GLU A 361 27.42 14.64 29.63
CA GLU A 361 26.68 14.48 30.89
C GLU A 361 26.89 15.69 31.78
N LEU A 362 25.83 16.08 32.48
CA LEU A 362 25.93 17.14 33.45
C LEU A 362 26.44 16.55 34.77
N LYS A 363 27.47 17.19 35.30
CA LYS A 363 28.05 16.84 36.60
C LYS A 363 28.08 18.08 37.49
N THR A 364 28.36 17.86 38.77
CA THR A 364 28.32 18.92 39.75
C THR A 364 29.27 20.04 39.39
N ASN A 365 30.37 19.69 38.73
CA ASN A 365 31.32 20.70 38.28
C ASN A 365 31.12 21.17 36.83
N GLY A 366 29.97 20.84 36.24
CA GLY A 366 29.65 21.29 34.90
C GLY A 366 29.47 20.19 33.87
N PRO A 367 29.11 20.58 32.64
CA PRO A 367 28.88 19.58 31.60
C PRO A 367 30.20 18.96 31.20
N ARG A 368 30.20 17.65 30.93
CA ARG A 368 31.43 16.97 30.58
C ARG A 368 31.21 16.07 29.38
N LYS A 369 32.21 15.97 28.51
CA LYS A 369 32.15 15.02 27.43
C LYS A 369 32.47 13.64 27.97
N ILE A 370 31.62 12.66 27.70
CA ILE A 370 31.94 11.27 28.07
C ILE A 370 32.32 10.40 26.86
N GLY A 371 32.16 10.95 25.65
CA GLY A 371 32.47 10.21 24.44
C GLY A 371 31.82 10.84 23.24
N TYR A 372 31.72 10.11 22.14
CA TYR A 372 31.12 10.66 20.95
C TYR A 372 30.38 9.60 20.12
N TRP A 373 29.57 10.09 19.20
CA TRP A 373 28.88 9.22 18.28
C TRP A 373 29.41 9.54 16.90
N SER A 374 29.76 8.50 16.19
CA SER A 374 30.38 8.67 14.90
C SER A 374 29.38 8.27 13.86
N GLU A 375 29.39 9.07 12.81
CA GLU A 375 28.49 8.84 11.72
C GLU A 375 28.61 7.41 11.13
N VAL A 376 29.64 6.66 11.55
CA VAL A 376 29.85 5.27 11.08
C VAL A 376 30.39 4.28 12.11
N ASP A 377 30.59 4.69 13.35
CA ASP A 377 31.14 3.80 14.39
C ASP A 377 30.22 3.77 15.62
N LYS A 378 29.22 4.64 15.60
CA LYS A 378 28.24 4.77 16.67
C LYS A 378 28.87 5.27 17.96
N MET A 379 28.39 4.81 19.11
CA MET A 379 28.80 5.45 20.36
C MET A 379 30.11 4.95 20.96
N VAL A 380 31.06 5.86 21.05
CA VAL A 380 32.38 5.52 21.55
C VAL A 380 32.69 6.31 22.82
N VAL A 381 32.85 5.58 23.92
CA VAL A 381 33.19 6.18 25.20
C VAL A 381 34.65 6.59 25.22
N THR A 382 34.94 7.71 25.88
CA THR A 382 36.31 8.16 26.08
C THR A 382 36.90 7.68 27.41
N LEU A 383 38.06 7.03 27.35
CA LEU A 383 38.72 6.56 28.56
C LEU A 383 39.85 7.51 28.97
N SER B 8 -28.07 35.90 -14.61
CA SER B 8 -26.81 36.51 -15.02
C SER B 8 -25.93 36.84 -13.81
N ASN B 9 -26.42 36.50 -12.63
CA ASN B 9 -25.69 36.75 -11.39
C ASN B 9 -24.59 35.73 -11.14
N SER B 10 -23.45 35.91 -11.81
CA SER B 10 -22.35 34.97 -11.69
C SER B 10 -21.41 35.32 -10.53
N ILE B 11 -21.42 34.48 -9.50
CA ILE B 11 -20.41 34.55 -8.46
C ILE B 11 -19.33 33.53 -8.81
N GLN B 12 -18.13 34.02 -9.07
CA GLN B 12 -17.06 33.12 -9.46
C GLN B 12 -16.39 32.46 -8.25
N ILE B 13 -16.06 31.18 -8.40
CA ILE B 13 -15.31 30.46 -7.38
C ILE B 13 -14.27 29.61 -8.06
N GLY B 14 -13.28 29.19 -7.29
CA GLY B 14 -12.29 28.27 -7.81
C GLY B 14 -12.54 26.86 -7.32
N GLY B 15 -12.02 25.90 -8.05
CA GLY B 15 -12.02 24.52 -7.63
C GLY B 15 -10.62 23.96 -7.85
N LEU B 16 -9.93 23.62 -6.77
CA LEU B 16 -8.62 23.00 -6.83
C LEU B 16 -8.73 21.48 -6.63
N PHE B 17 -8.67 20.73 -7.73
CA PHE B 17 -8.92 19.28 -7.68
C PHE B 17 -7.68 18.45 -7.93
N PRO B 18 -7.36 17.54 -7.00
CA PRO B 18 -6.23 16.63 -7.18
C PRO B 18 -6.37 15.88 -8.49
N ARG B 19 -5.23 15.58 -9.10
CA ARG B 19 -5.22 15.06 -10.46
C ARG B 19 -5.94 13.75 -10.70
N GLY B 20 -6.49 13.12 -9.66
CA GLY B 20 -7.27 11.92 -9.95
C GLY B 20 -8.65 11.86 -9.31
N ALA B 21 -9.15 12.98 -8.83
CA ALA B 21 -10.33 13.00 -7.99
C ALA B 21 -11.61 13.03 -8.82
N ASP B 22 -11.75 12.03 -9.69
CA ASP B 22 -12.86 11.95 -10.65
C ASP B 22 -14.22 11.95 -9.98
N GLN B 23 -14.42 11.07 -9.01
CA GLN B 23 -15.72 10.93 -8.39
C GLN B 23 -16.09 12.20 -7.65
N GLU B 24 -15.10 12.78 -6.98
CA GLU B 24 -15.29 14.03 -6.27
C GLU B 24 -15.71 15.16 -7.23
N TYR B 25 -15.03 15.25 -8.36
CA TYR B 25 -15.45 16.24 -9.34
C TYR B 25 -16.87 15.94 -9.87
N SER B 26 -17.18 14.67 -10.13
CA SER B 26 -18.55 14.32 -10.52
C SER B 26 -19.56 14.77 -9.45
N ALA B 27 -19.28 14.44 -8.20
CA ALA B 27 -20.06 14.90 -7.07
C ALA B 27 -20.22 16.43 -7.02
N PHE B 28 -19.16 17.14 -7.34
CA PHE B 28 -19.17 18.61 -7.35
C PHE B 28 -20.07 19.13 -8.46
N ARG B 29 -19.90 18.59 -9.66
CA ARG B 29 -20.75 18.97 -10.77
C ARG B 29 -22.24 18.66 -10.51
N VAL B 30 -22.51 17.58 -9.80
CA VAL B 30 -23.90 17.23 -9.47
C VAL B 30 -24.49 18.24 -8.49
N GLY B 31 -23.73 18.58 -7.45
CA GLY B 31 -24.18 19.57 -6.49
C GLY B 31 -24.44 20.94 -7.09
N MET B 32 -23.64 21.31 -8.09
CA MET B 32 -23.85 22.58 -8.79
C MET B 32 -25.22 22.62 -9.47
N VAL B 33 -25.66 21.46 -9.96
CA VAL B 33 -26.97 21.31 -10.60
C VAL B 33 -28.07 21.30 -9.54
N GLN B 34 -27.92 20.43 -8.54
CA GLN B 34 -28.88 20.30 -7.46
C GLN B 34 -29.21 21.64 -6.80
N PHE B 35 -28.20 22.46 -6.57
CA PHE B 35 -28.35 23.64 -5.73
C PHE B 35 -28.39 24.99 -6.47
N SER B 36 -28.17 24.94 -7.79
CA SER B 36 -28.27 26.14 -8.63
C SER B 36 -29.67 26.77 -8.60
N THR B 37 -29.73 28.05 -8.90
CA THR B 37 -30.95 28.82 -8.70
C THR B 37 -30.99 30.03 -9.61
N SER B 38 -32.17 30.64 -9.74
CA SER B 38 -32.34 31.85 -10.52
C SER B 38 -31.67 33.04 -9.82
N GLU B 39 -31.50 32.93 -8.50
CA GLU B 39 -30.86 33.98 -7.72
C GLU B 39 -29.46 34.27 -8.26
N PHE B 40 -28.64 33.22 -8.28
CA PHE B 40 -27.27 33.35 -8.76
C PHE B 40 -26.72 32.01 -9.20
N ARG B 41 -25.71 32.06 -10.06
CA ARG B 41 -25.02 30.87 -10.54
C ARG B 41 -23.56 30.89 -10.12
N LEU B 42 -23.18 30.02 -9.19
CA LEU B 42 -21.78 29.76 -8.90
C LEU B 42 -21.07 29.40 -10.19
N THR B 43 -20.08 30.19 -10.59
CA THR B 43 -19.38 29.88 -11.83
C THR B 43 -17.95 29.41 -11.52
N PRO B 44 -17.76 28.09 -11.43
CA PRO B 44 -16.51 27.51 -10.98
C PRO B 44 -15.42 27.60 -12.03
N HIS B 45 -14.21 27.98 -11.64
CA HIS B 45 -13.06 27.75 -12.49
C HIS B 45 -12.19 26.64 -11.87
N ILE B 46 -11.92 25.62 -12.68
CA ILE B 46 -11.33 24.38 -12.20
C ILE B 46 -9.86 24.22 -12.54
N ASP B 47 -9.02 23.96 -11.53
CA ASP B 47 -7.67 23.53 -11.80
C ASP B 47 -7.44 22.09 -11.34
N ASN B 48 -6.82 21.28 -12.18
CA ASN B 48 -6.38 19.94 -11.82
C ASN B 48 -4.88 19.91 -11.54
N LEU B 49 -4.48 19.55 -10.32
CA LEU B 49 -3.05 19.63 -9.98
C LEU B 49 -2.51 18.61 -8.98
N GLU B 50 -1.17 18.46 -9.02
CA GLU B 50 -0.41 17.64 -8.10
C GLU B 50 -0.51 18.33 -6.73
N VAL B 51 -1.50 17.90 -5.95
CA VAL B 51 -1.88 18.57 -4.74
C VAL B 51 -0.78 18.52 -3.65
N ALA B 52 0.17 17.60 -3.78
CA ALA B 52 1.27 17.45 -2.84
C ALA B 52 2.44 18.38 -3.17
N ASN B 53 2.34 19.06 -4.30
CA ASN B 53 3.40 19.92 -4.82
C ASN B 53 3.04 21.35 -4.45
N SER B 54 3.75 21.89 -3.44
CA SER B 54 3.44 23.20 -2.88
C SER B 54 3.61 24.31 -3.90
N PHE B 55 4.61 24.17 -4.77
CA PHE B 55 4.78 25.12 -5.86
C PHE B 55 3.55 25.08 -6.76
N ALA B 56 3.12 23.89 -7.14
CA ALA B 56 1.94 23.74 -8.00
C ALA B 56 0.71 24.35 -7.33
N VAL B 57 0.57 24.07 -6.03
CA VAL B 57 -0.54 24.60 -5.25
C VAL B 57 -0.53 26.15 -5.16
N THR B 58 0.66 26.74 -5.01
CA THR B 58 0.75 28.19 -4.97
C THR B 58 0.37 28.80 -6.33
N ASN B 59 0.95 28.25 -7.38
CA ASN B 59 0.57 28.64 -8.73
C ASN B 59 -0.93 28.63 -8.99
N ALA B 60 -1.59 27.57 -8.53
CA ALA B 60 -3.01 27.41 -8.80
C ALA B 60 -3.81 28.36 -7.90
N PHE B 61 -3.38 28.51 -6.66
CA PHE B 61 -4.08 29.46 -5.80
C PHE B 61 -3.93 30.89 -6.34
N CYS B 62 -2.71 31.24 -6.73
CA CYS B 62 -2.47 32.60 -7.17
C CYS B 62 -3.20 32.84 -8.49
N SER B 63 -3.26 31.82 -9.33
CA SER B 63 -3.96 31.94 -10.60
C SER B 63 -5.46 32.21 -10.39
N GLN B 64 -6.06 31.56 -9.39
CA GLN B 64 -7.46 31.77 -9.05
C GLN B 64 -7.68 33.08 -8.31
N PHE B 65 -6.68 33.52 -7.55
CA PHE B 65 -6.80 34.77 -6.84
C PHE B 65 -6.86 35.90 -7.87
N SER B 66 -5.92 35.90 -8.81
CA SER B 66 -5.88 36.90 -9.89
C SER B 66 -7.18 37.03 -10.69
N ARG B 67 -7.86 35.91 -10.91
CA ARG B 67 -9.11 35.92 -11.66
C ARG B 67 -10.19 36.67 -10.89
N GLY B 68 -10.04 36.71 -9.58
CA GLY B 68 -11.01 37.37 -8.73
C GLY B 68 -12.11 36.47 -8.21
N VAL B 69 -11.77 35.23 -7.87
CA VAL B 69 -12.77 34.29 -7.34
C VAL B 69 -13.22 34.78 -5.99
N TYR B 70 -14.45 34.44 -5.60
CA TYR B 70 -14.96 34.89 -4.32
C TYR B 70 -14.72 33.87 -3.22
N ALA B 71 -14.25 32.70 -3.60
CA ALA B 71 -13.84 31.69 -2.64
C ALA B 71 -13.27 30.54 -3.44
N ILE B 72 -12.61 29.61 -2.76
CA ILE B 72 -12.00 28.46 -3.42
C ILE B 72 -12.43 27.16 -2.74
N PHE B 73 -13.06 26.26 -3.50
CA PHE B 73 -13.30 24.92 -2.99
C PHE B 73 -12.13 24.07 -3.44
N GLY B 74 -11.63 23.20 -2.58
CA GLY B 74 -10.47 22.44 -2.98
C GLY B 74 -9.98 21.43 -1.98
N PHE B 75 -8.84 20.85 -2.31
CA PHE B 75 -8.21 19.80 -1.50
C PHE B 75 -6.76 20.21 -1.21
N TYR B 76 -6.23 19.79 -0.07
CA TYR B 76 -4.81 19.87 0.21
C TYR B 76 -4.25 18.54 0.72
N ASP B 77 -2.93 18.50 0.85
CA ASP B 77 -2.16 17.35 1.27
C ASP B 77 -1.42 17.80 2.54
N LYS B 78 -0.83 16.87 3.28
CA LYS B 78 -0.09 17.28 4.46
C LYS B 78 1.13 18.15 4.05
N LYS B 79 1.59 18.02 2.81
CA LYS B 79 2.74 18.79 2.33
C LYS B 79 2.38 20.18 1.79
N SER B 80 1.11 20.42 1.51
CA SER B 80 0.69 21.65 0.88
C SER B 80 -0.28 22.40 1.75
N VAL B 81 -0.70 21.80 2.87
CA VAL B 81 -1.72 22.41 3.76
C VAL B 81 -1.29 23.81 4.28
N ASN B 82 -0.02 23.93 4.63
CA ASN B 82 0.50 25.23 5.05
C ASN B 82 0.45 26.33 4.03
N THR B 83 0.67 25.98 2.77
CA THR B 83 0.54 26.95 1.66
C THR B 83 -0.89 27.50 1.62
N ILE B 84 -1.85 26.59 1.70
CA ILE B 84 -3.27 26.94 1.66
C ILE B 84 -3.68 27.82 2.82
N THR B 85 -3.35 27.40 4.04
CA THR B 85 -3.74 28.16 5.22
C THR B 85 -3.02 29.52 5.30
N SER B 86 -1.74 29.57 4.98
CA SER B 86 -1.02 30.84 5.00
C SER B 86 -1.55 31.80 3.94
N PHE B 87 -1.70 31.33 2.71
CA PHE B 87 -2.17 32.21 1.64
C PHE B 87 -3.61 32.69 1.85
N CYS B 88 -4.46 31.78 2.33
CA CYS B 88 -5.85 32.11 2.61
C CYS B 88 -5.97 33.03 3.81
N GLY B 89 -5.18 32.77 4.84
CA GLY B 89 -5.25 33.56 6.05
C GLY B 89 -4.76 34.97 5.81
N THR B 90 -3.76 35.10 4.93
CA THR B 90 -3.12 36.38 4.64
C THR B 90 -3.98 37.24 3.74
N LEU B 91 -4.65 36.60 2.78
CA LEU B 91 -5.41 37.33 1.76
C LEU B 91 -6.91 37.40 2.03
N HIS B 92 -7.34 36.84 3.16
CA HIS B 92 -8.77 36.69 3.47
C HIS B 92 -9.59 35.98 2.37
N VAL B 93 -9.02 34.95 1.77
CA VAL B 93 -9.71 34.12 0.80
C VAL B 93 -10.10 32.81 1.45
N SER B 94 -11.40 32.54 1.44
CA SER B 94 -11.95 31.37 2.10
C SER B 94 -11.69 30.13 1.27
N PHE B 95 -11.18 29.09 1.93
CA PHE B 95 -10.97 27.81 1.29
C PHE B 95 -11.96 26.85 1.88
N ILE B 96 -12.73 26.17 1.04
CA ILE B 96 -13.69 25.16 1.51
C ILE B 96 -13.24 23.79 1.04
N THR B 97 -13.08 22.85 1.97
CA THR B 97 -12.40 21.61 1.65
C THR B 97 -12.95 20.38 2.40
N PRO B 98 -12.93 19.22 1.75
CA PRO B 98 -13.24 17.92 2.37
C PRO B 98 -11.99 17.22 2.91
N SER B 99 -10.83 17.87 2.78
CA SER B 99 -9.57 17.32 3.29
C SER B 99 -9.53 17.22 4.81
N PHE B 100 -8.52 16.54 5.35
CA PHE B 100 -8.33 16.46 6.79
C PHE B 100 -8.38 17.84 7.42
N PRO B 101 -9.06 17.94 8.59
CA PRO B 101 -9.13 19.20 9.33
C PRO B 101 -7.73 19.66 9.72
N THR B 102 -7.48 20.96 9.70
CA THR B 102 -6.15 21.47 10.06
C THR B 102 -5.83 21.27 11.53
N ASP B 103 -4.54 21.18 11.81
CA ASP B 103 -4.06 21.01 13.17
C ASP B 103 -3.79 22.38 13.76
N GLY B 104 -4.85 23.04 14.19
CA GLY B 104 -4.79 24.42 14.67
C GLY B 104 -6.09 25.11 14.35
N THR B 105 -6.16 26.41 14.60
CA THR B 105 -7.40 27.13 14.41
C THR B 105 -7.30 28.13 13.28
N HIS B 106 -6.49 27.79 12.28
CA HIS B 106 -6.35 28.60 11.08
C HIS B 106 -7.70 29.14 10.61
N PRO B 107 -7.74 30.46 10.32
CA PRO B 107 -8.92 31.18 9.80
C PRO B 107 -9.07 31.01 8.29
N PHE B 108 -10.24 31.34 7.79
CA PHE B 108 -10.48 31.34 6.34
C PHE B 108 -10.45 29.95 5.74
N VAL B 109 -10.66 28.93 6.57
CA VAL B 109 -10.67 27.56 6.08
C VAL B 109 -11.91 26.82 6.59
N ILE B 110 -12.81 26.51 5.68
CA ILE B 110 -14.04 25.81 6.03
C ILE B 110 -13.84 24.32 5.86
N GLN B 111 -13.73 23.61 6.99
CA GLN B 111 -13.39 22.20 6.96
C GLN B 111 -14.65 21.30 6.96
N MET B 112 -15.05 20.82 5.79
CA MET B 112 -16.26 20.00 5.67
C MET B 112 -16.15 18.71 6.47
N ARG B 113 -14.94 18.15 6.57
CA ARG B 113 -14.74 16.84 7.20
C ARG B 113 -14.65 16.90 8.73
N PRO B 114 -15.56 16.19 9.42
CA PRO B 114 -15.52 16.16 10.88
C PRO B 114 -14.27 15.47 11.40
N ASP B 115 -13.91 15.82 12.63
CA ASP B 115 -12.80 15.22 13.35
C ASP B 115 -13.14 13.78 13.74
N LEU B 116 -12.18 12.89 13.61
CA LEU B 116 -12.39 11.47 13.79
C LEU B 116 -11.76 10.95 15.09
N LYS B 117 -10.86 11.75 15.65
CA LYS B 117 -10.08 11.35 16.84
C LYS B 117 -10.91 10.99 18.06
N GLY B 118 -11.92 11.82 18.36
CA GLY B 118 -12.80 11.53 19.47
C GLY B 118 -13.48 10.17 19.34
N ALA B 119 -14.20 9.96 18.24
CA ALA B 119 -14.89 8.70 18.02
C ALA B 119 -13.93 7.50 18.11
N LEU B 120 -12.77 7.62 17.47
CA LEU B 120 -11.78 6.53 17.52
C LEU B 120 -11.32 6.23 18.94
N LEU B 121 -10.89 7.25 19.67
CA LEU B 121 -10.51 7.08 21.06
C LEU B 121 -11.65 6.41 21.86
N SER B 122 -12.88 6.87 21.62
CA SER B 122 -14.05 6.31 22.28
C SER B 122 -14.28 4.87 21.89
N LEU B 123 -14.10 4.54 20.62
CA LEU B 123 -14.34 3.17 20.18
C LEU B 123 -13.34 2.20 20.82
N ILE B 124 -12.09 2.64 20.93
CA ILE B 124 -11.04 1.80 21.47
C ILE B 124 -11.36 1.45 22.91
N GLU B 125 -11.83 2.44 23.66
CA GLU B 125 -12.24 2.27 25.04
C GLU B 125 -13.43 1.32 25.11
N TYR B 126 -14.39 1.53 24.22
CA TYR B 126 -15.58 0.70 24.16
C TYR B 126 -15.23 -0.78 24.13
N TYR B 127 -14.38 -1.18 23.20
CA TYR B 127 -13.98 -2.57 23.10
C TYR B 127 -13.05 -2.98 24.23
N GLN B 128 -12.73 -2.03 25.10
CA GLN B 128 -11.96 -2.31 26.32
C GLN B 128 -10.53 -2.77 26.03
N TRP B 129 -10.02 -2.35 24.88
CA TRP B 129 -8.66 -2.65 24.47
C TRP B 129 -7.65 -2.04 25.45
N ASP B 130 -6.55 -2.77 25.68
CA ASP B 130 -5.42 -2.21 26.42
C ASP B 130 -4.11 -2.35 25.66
N LYS B 131 -4.00 -3.38 24.83
CA LYS B 131 -2.81 -3.60 24.02
C LYS B 131 -3.25 -3.80 22.56
N PHE B 132 -2.62 -3.09 21.64
CA PHE B 132 -3.00 -3.16 20.23
C PHE B 132 -1.92 -2.61 19.30
N ALA B 133 -2.00 -3.00 18.03
CA ALA B 133 -1.14 -2.46 17.00
C ALA B 133 -1.86 -1.31 16.28
N TYR B 134 -1.10 -0.29 15.94
CA TYR B 134 -1.62 0.86 15.22
C TYR B 134 -0.84 1.02 13.91
N LEU B 135 -1.47 0.66 12.79
CA LEU B 135 -0.86 0.85 11.48
C LEU B 135 -1.18 2.23 10.98
N TYR B 136 -0.15 3.04 10.74
CA TYR B 136 -0.36 4.39 10.30
C TYR B 136 0.35 4.63 9.00
N ASP B 137 -0.08 5.66 8.30
CA ASP B 137 0.43 5.94 6.97
C ASP B 137 1.08 7.29 7.00
N SER B 138 2.41 7.33 7.04
CA SER B 138 3.15 8.59 7.07
C SER B 138 2.75 9.51 5.91
N ASP B 139 2.40 8.93 4.76
CA ASP B 139 2.00 9.71 3.58
C ASP B 139 0.81 10.58 3.88
N ARG B 140 -0.04 10.09 4.77
CA ARG B 140 -1.33 10.68 5.03
C ARG B 140 -1.32 11.55 6.27
N GLY B 141 -0.43 11.22 7.21
CA GLY B 141 -0.32 12.01 8.45
C GLY B 141 -0.27 11.19 9.72
N LEU B 142 0.19 11.81 10.80
CA LEU B 142 0.39 11.14 12.07
C LEU B 142 -0.52 11.71 13.15
N SER B 143 -1.25 12.75 12.78
CA SER B 143 -2.13 13.45 13.69
C SER B 143 -3.03 12.57 14.60
N THR B 144 -3.71 11.56 14.05
CA THR B 144 -4.58 10.75 14.93
C THR B 144 -3.81 9.70 15.76
N LEU B 145 -2.73 9.15 15.20
CA LEU B 145 -1.78 8.37 15.99
C LEU B 145 -1.32 9.15 17.21
N GLN B 146 -0.93 10.39 17.02
CA GLN B 146 -0.46 11.19 18.13
C GLN B 146 -1.53 11.31 19.23
N ALA B 147 -2.79 11.43 18.85
CA ALA B 147 -3.86 11.57 19.83
C ALA B 147 -3.98 10.31 20.66
N VAL B 148 -3.85 9.14 20.02
CA VAL B 148 -3.89 7.90 20.79
C VAL B 148 -2.59 7.65 21.57
N LEU B 149 -1.46 8.12 21.04
CA LEU B 149 -0.22 8.06 21.80
C LEU B 149 -0.28 8.97 23.03
N ASP B 150 -0.88 10.17 22.88
CA ASP B 150 -1.01 11.10 24.01
C ASP B 150 -1.85 10.44 25.11
N SER B 151 -2.94 9.81 24.67
CA SER B 151 -3.93 9.23 25.57
C SER B 151 -3.49 7.91 26.17
N ALA B 152 -2.51 7.26 25.57
CA ALA B 152 -2.17 5.91 25.95
C ALA B 152 -1.93 5.74 27.47
N ALA B 153 -1.21 6.66 28.09
CA ALA B 153 -0.98 6.62 29.54
C ALA B 153 -2.26 6.66 30.36
N GLU B 154 -2.99 7.76 30.23
CA GLU B 154 -4.22 7.96 30.98
C GLU B 154 -5.21 6.81 30.73
N LYS B 155 -5.36 6.40 29.48
CA LYS B 155 -6.27 5.32 29.13
C LYS B 155 -5.61 3.95 29.35
N LYS B 156 -4.35 3.95 29.80
CA LYS B 156 -3.63 2.69 30.04
C LYS B 156 -3.63 1.72 28.86
N TRP B 157 -3.00 2.13 27.75
CA TRP B 157 -2.84 1.27 26.58
C TRP B 157 -1.38 0.95 26.29
N GLN B 158 -1.11 -0.21 25.71
CA GLN B 158 0.19 -0.49 25.11
C GLN B 158 0.05 -0.53 23.60
N VAL B 159 0.56 0.51 22.95
CA VAL B 159 0.44 0.66 21.51
C VAL B 159 1.73 0.31 20.78
N THR B 160 1.60 -0.56 19.80
CA THR B 160 2.66 -0.88 18.88
C THR B 160 2.33 -0.18 17.55
N ALA B 161 3.05 0.91 17.27
CA ALA B 161 2.82 1.73 16.06
C ALA B 161 3.73 1.31 14.92
N ILE B 162 3.12 0.92 13.81
CA ILE B 162 3.85 0.53 12.63
C ILE B 162 3.54 1.44 11.42
N ASN B 163 4.57 1.96 10.77
CA ASN B 163 4.40 2.83 9.60
C ASN B 163 4.15 2.00 8.36
N VAL B 164 3.04 2.29 7.71
CA VAL B 164 2.65 1.52 6.55
C VAL B 164 2.77 2.39 5.31
N GLY B 165 3.51 3.48 5.45
CA GLY B 165 3.42 4.60 4.52
C GLY B 165 4.49 4.79 3.47
N ASN B 166 5.58 4.03 3.50
CA ASN B 166 6.55 4.22 2.42
C ASN B 166 6.80 2.98 1.58
N ILE B 167 5.71 2.27 1.29
CA ILE B 167 5.78 0.99 0.60
C ILE B 167 5.85 1.20 -0.91
N ASN B 168 6.99 0.84 -1.51
CA ASN B 168 7.07 0.91 -2.95
C ASN B 168 6.26 -0.24 -3.55
N ASN B 169 5.24 0.12 -4.33
CA ASN B 169 4.31 -0.86 -4.88
C ASN B 169 5.00 -2.05 -5.55
N ASP B 170 6.30 -1.89 -5.84
CA ASP B 170 7.09 -2.98 -6.39
C ASP B 170 6.89 -4.23 -5.55
N LYS B 171 7.25 -4.16 -4.27
CA LYS B 171 7.00 -5.26 -3.35
C LYS B 171 5.54 -5.25 -2.87
N LYS B 172 5.26 -4.51 -1.81
CA LYS B 172 3.88 -4.36 -1.33
C LYS B 172 3.37 -5.65 -0.70
N ASP B 173 3.07 -6.63 -1.55
CA ASP B 173 2.67 -7.95 -1.08
C ASP B 173 3.66 -8.42 -0.03
N GLU B 174 4.93 -8.51 -0.41
CA GLU B 174 5.96 -8.99 0.50
C GLU B 174 6.08 -8.15 1.77
N THR B 175 6.03 -6.83 1.64
CA THR B 175 6.12 -5.97 2.81
C THR B 175 4.96 -6.28 3.78
N TYR B 176 3.73 -6.19 3.27
CA TYR B 176 2.54 -6.37 4.12
C TYR B 176 2.48 -7.73 4.82
N ARG B 177 3.03 -8.75 4.17
CA ARG B 177 3.09 -10.08 4.76
C ARG B 177 4.16 -10.12 5.84
N SER B 178 5.30 -9.48 5.57
CA SER B 178 6.38 -9.40 6.55
C SER B 178 5.90 -8.68 7.80
N LEU B 179 5.14 -7.60 7.60
CA LEU B 179 4.57 -6.86 8.72
C LEU B 179 3.71 -7.74 9.64
N PHE B 180 2.80 -8.51 9.06
CA PHE B 180 1.89 -9.33 9.87
C PHE B 180 2.58 -10.55 10.43
N GLN B 181 3.52 -11.11 9.68
CA GLN B 181 4.32 -12.22 10.18
C GLN B 181 5.38 -11.73 11.17
N ASP B 182 5.40 -10.42 11.41
CA ASP B 182 6.20 -9.84 12.49
C ASP B 182 5.32 -9.59 13.72
N LEU B 183 4.12 -9.06 13.51
CA LEU B 183 3.11 -9.02 14.58
C LEU B 183 2.79 -10.44 15.02
N GLU B 184 3.39 -11.41 14.33
CA GLU B 184 3.42 -12.78 14.80
C GLU B 184 4.63 -12.96 15.71
N LEU B 185 4.78 -12.02 16.64
CA LEU B 185 5.86 -12.03 17.61
C LEU B 185 5.25 -11.71 18.95
N LYS B 186 4.71 -10.50 19.06
CA LYS B 186 4.10 -10.02 20.29
C LYS B 186 2.65 -10.50 20.40
N LYS B 187 2.28 -11.45 19.54
CA LYS B 187 0.91 -11.94 19.52
C LYS B 187 -0.06 -10.77 19.46
N GLU B 188 -0.01 -10.03 18.36
CA GLU B 188 -0.91 -8.91 18.16
C GLU B 188 -2.12 -9.37 17.37
N ARG B 189 -3.31 -9.09 17.87
CA ARG B 189 -4.52 -9.55 17.25
C ARG B 189 -5.54 -8.43 17.16
N ARG B 190 -5.24 -7.33 17.84
CA ARG B 190 -6.08 -6.13 17.77
C ARG B 190 -5.32 -5.03 17.02
N VAL B 191 -5.90 -4.57 15.93
CA VAL B 191 -5.17 -3.79 14.94
C VAL B 191 -6.03 -2.63 14.44
N ILE B 192 -5.48 -1.42 14.52
CA ILE B 192 -6.14 -0.24 13.98
C ILE B 192 -5.50 0.12 12.64
N LEU B 193 -6.34 0.39 11.63
CA LEU B 193 -5.83 0.67 10.30
C LEU B 193 -5.45 2.13 10.00
N ASP B 194 -6.37 3.07 10.00
CA ASP B 194 -5.92 4.50 9.80
C ASP B 194 -5.12 4.72 8.48
N CYS B 195 -5.81 4.55 7.36
CA CYS B 195 -5.24 4.62 6.01
C CYS B 195 -6.32 5.12 5.05
N GLU B 196 -5.91 5.58 3.87
CA GLU B 196 -6.85 5.85 2.79
C GLU B 196 -7.56 4.54 2.41
N ARG B 197 -8.75 4.63 1.83
CA ARG B 197 -9.52 3.43 1.49
C ARG B 197 -8.78 2.44 0.59
N ASP B 198 -7.84 2.94 -0.21
CA ASP B 198 -7.08 2.10 -1.13
C ASP B 198 -6.06 1.26 -0.38
N LYS B 199 -5.30 1.93 0.48
CA LYS B 199 -4.32 1.27 1.32
C LYS B 199 -5.02 0.28 2.25
N VAL B 200 -6.27 0.57 2.61
CA VAL B 200 -7.01 -0.30 3.50
C VAL B 200 -7.33 -1.58 2.72
N ASN B 201 -7.80 -1.40 1.49
CA ASN B 201 -8.10 -2.49 0.59
C ASN B 201 -6.90 -3.39 0.36
N ASP B 202 -5.76 -2.78 0.10
CA ASP B 202 -4.52 -3.50 -0.12
C ASP B 202 -4.20 -4.34 1.09
N ILE B 203 -4.45 -3.78 2.26
CA ILE B 203 -4.01 -4.44 3.48
C ILE B 203 -4.99 -5.58 3.78
N VAL B 204 -6.27 -5.28 3.67
CA VAL B 204 -7.32 -6.29 3.78
C VAL B 204 -7.02 -7.46 2.87
N ASP B 205 -6.64 -7.17 1.62
CA ASP B 205 -6.25 -8.22 0.68
C ASP B 205 -5.14 -9.08 1.23
N GLN B 206 -4.16 -8.47 1.88
CA GLN B 206 -3.05 -9.27 2.39
C GLN B 206 -3.39 -10.02 3.69
N VAL B 207 -4.28 -9.44 4.50
CA VAL B 207 -4.68 -10.10 5.73
C VAL B 207 -5.39 -11.41 5.36
N ILE B 208 -6.25 -11.34 4.35
CA ILE B 208 -6.96 -12.50 3.84
C ILE B 208 -6.00 -13.55 3.30
N THR B 209 -5.06 -13.13 2.46
CA THR B 209 -4.10 -14.07 1.90
C THR B 209 -3.30 -14.77 3.00
N ILE B 210 -3.04 -14.05 4.10
CA ILE B 210 -2.24 -14.59 5.19
C ILE B 210 -3.12 -15.42 6.15
N GLY B 211 -4.42 -15.25 6.04
CA GLY B 211 -5.35 -16.02 6.84
C GLY B 211 -5.49 -15.45 8.24
N LYS B 212 -5.49 -14.13 8.32
CA LYS B 212 -5.60 -13.44 9.59
C LYS B 212 -6.90 -12.66 9.65
N HIS B 213 -7.89 -13.11 8.87
CA HIS B 213 -9.22 -12.50 8.90
C HIS B 213 -10.19 -13.43 9.60
N VAL B 214 -9.64 -14.35 10.38
CA VAL B 214 -10.41 -15.32 11.12
C VAL B 214 -10.75 -14.82 12.51
N LYS B 215 -11.56 -15.59 13.20
CA LYS B 215 -11.92 -15.34 14.58
C LYS B 215 -10.69 -15.20 15.48
N GLY B 216 -10.70 -14.18 16.34
CA GLY B 216 -9.57 -13.97 17.21
C GLY B 216 -8.80 -12.71 16.87
N TYR B 217 -8.94 -12.22 15.62
CA TYR B 217 -8.41 -10.91 15.22
C TYR B 217 -9.54 -9.89 15.16
N HIS B 218 -9.19 -8.62 15.39
CA HIS B 218 -10.17 -7.54 15.32
C HIS B 218 -9.48 -6.30 14.73
N TYR B 219 -10.11 -5.73 13.71
CA TYR B 219 -9.57 -4.60 12.98
C TYR B 219 -10.49 -3.40 13.14
N ILE B 220 -9.91 -2.24 13.37
CA ILE B 220 -10.67 -1.01 13.36
C ILE B 220 -10.16 -0.18 12.19
N ILE B 221 -11.05 0.08 11.23
CA ILE B 221 -10.70 0.94 10.10
C ILE B 221 -10.94 2.41 10.47
N ALA B 222 -9.85 3.16 10.61
CA ALA B 222 -9.97 4.51 11.13
C ALA B 222 -10.00 5.48 9.98
N ASN B 223 -11.10 5.45 9.23
CA ASN B 223 -11.45 6.50 8.30
C ASN B 223 -12.95 6.70 8.39
N LEU B 224 -13.49 7.70 7.70
CA LEU B 224 -14.90 8.03 7.82
C LEU B 224 -15.77 7.34 6.79
N GLY B 225 -15.18 6.40 6.05
CA GLY B 225 -15.92 5.74 5.01
C GLY B 225 -15.90 4.22 5.13
N PHE B 226 -16.39 3.70 6.25
CA PHE B 226 -16.40 2.24 6.47
C PHE B 226 -16.87 1.44 5.27
N THR B 227 -17.98 1.85 4.65
CA THR B 227 -18.51 1.10 3.53
C THR B 227 -18.13 1.66 2.15
N ASP B 228 -17.15 2.55 2.11
CA ASP B 228 -16.67 3.04 0.82
C ASP B 228 -15.94 1.93 0.06
N GLY B 229 -15.28 1.02 0.78
CA GLY B 229 -14.51 -0.03 0.14
C GLY B 229 -15.25 -1.35 0.09
N ASP B 230 -14.55 -2.41 -0.32
CA ASP B 230 -15.15 -3.73 -0.44
C ASP B 230 -15.00 -4.55 0.84
N LEU B 231 -16.04 -4.59 1.65
CA LEU B 231 -15.97 -5.36 2.89
C LEU B 231 -16.40 -6.81 2.68
N LEU B 232 -17.15 -7.07 1.62
CA LEU B 232 -17.74 -8.38 1.43
C LEU B 232 -16.68 -9.48 1.53
N LYS B 233 -15.47 -9.19 1.04
CA LYS B 233 -14.43 -10.22 0.98
C LYS B 233 -13.83 -10.64 2.33
N ILE B 234 -13.99 -9.82 3.35
CA ILE B 234 -13.46 -10.11 4.69
C ILE B 234 -14.58 -10.40 5.69
N GLN B 235 -15.78 -10.58 5.16
CA GLN B 235 -17.01 -10.68 5.93
C GLN B 235 -17.22 -12.07 6.56
N PHE B 236 -16.60 -13.08 5.97
CA PHE B 236 -16.95 -14.45 6.33
C PHE B 236 -15.82 -15.19 7.00
N GLY B 237 -14.72 -14.49 7.21
CA GLY B 237 -13.59 -15.10 7.86
C GLY B 237 -13.84 -15.38 9.33
N GLY B 238 -14.68 -14.57 9.98
CA GLY B 238 -14.83 -14.60 11.43
C GLY B 238 -14.22 -13.45 12.23
N ALA B 239 -13.32 -12.67 11.64
CA ALA B 239 -12.72 -11.53 12.35
C ALA B 239 -13.74 -10.45 12.67
N ASN B 240 -13.57 -9.75 13.79
CA ASN B 240 -14.25 -8.49 14.04
C ASN B 240 -13.65 -7.40 13.15
N VAL B 241 -14.49 -6.54 12.60
CA VAL B 241 -14.09 -5.43 11.78
C VAL B 241 -15.03 -4.28 12.11
N SER B 242 -14.48 -3.19 12.62
CA SER B 242 -15.31 -2.06 12.99
C SER B 242 -14.83 -0.80 12.30
N GLY B 243 -15.72 0.17 12.13
CA GLY B 243 -15.32 1.40 11.48
C GLY B 243 -16.30 2.53 11.72
N PHE B 244 -16.17 3.57 10.90
CA PHE B 244 -16.97 4.77 11.08
C PHE B 244 -17.58 5.17 9.76
N GLN B 245 -18.73 5.83 9.85
CA GLN B 245 -19.50 6.15 8.65
C GLN B 245 -20.20 7.47 8.91
N ILE B 246 -20.11 8.38 7.95
CA ILE B 246 -20.68 9.71 8.11
C ILE B 246 -21.84 9.90 7.13
N VAL B 247 -21.81 9.12 6.06
CA VAL B 247 -22.90 9.13 5.09
C VAL B 247 -23.89 8.00 5.46
N ASP B 248 -25.04 8.38 6.02
CA ASP B 248 -26.04 7.39 6.47
C ASP B 248 -27.04 7.11 5.35
N TYR B 249 -26.84 6.00 4.66
CA TYR B 249 -27.69 5.66 3.52
C TYR B 249 -29.15 5.39 3.90
N ASP B 250 -29.45 5.45 5.20
CA ASP B 250 -30.82 5.25 5.66
C ASP B 250 -31.60 6.56 5.62
N ASP B 251 -30.89 7.69 5.59
CA ASP B 251 -31.53 8.99 5.46
C ASP B 251 -32.18 9.10 4.09
N SER B 252 -33.39 9.65 4.05
CA SER B 252 -34.08 9.87 2.79
C SER B 252 -33.30 10.85 1.89
N LEU B 253 -32.75 11.90 2.49
CA LEU B 253 -31.92 12.84 1.73
C LEU B 253 -30.83 12.10 0.99
N VAL B 254 -30.18 11.16 1.66
CA VAL B 254 -29.11 10.37 1.03
C VAL B 254 -29.66 9.36 0.05
N SER B 255 -30.73 8.69 0.45
CA SER B 255 -31.36 7.68 -0.38
C SER B 255 -31.86 8.32 -1.67
N LYS B 256 -32.48 9.49 -1.54
CA LYS B 256 -32.99 10.21 -2.69
C LYS B 256 -31.85 10.67 -3.59
N PHE B 257 -30.72 11.02 -2.97
CA PHE B 257 -29.54 11.39 -3.75
C PHE B 257 -28.96 10.22 -4.52
N ILE B 258 -28.78 9.08 -3.85
CA ILE B 258 -28.24 7.89 -4.51
C ILE B 258 -29.16 7.35 -5.60
N GLU B 259 -30.47 7.53 -5.42
CA GLU B 259 -31.40 7.16 -6.47
C GLU B 259 -30.94 7.84 -7.74
N ARG B 260 -30.64 9.13 -7.62
CA ARG B 260 -30.21 9.95 -8.74
C ARG B 260 -28.82 9.54 -9.23
N TRP B 261 -27.89 9.42 -8.28
CA TRP B 261 -26.48 9.16 -8.55
C TRP B 261 -26.25 7.84 -9.26
N SER B 262 -27.02 6.83 -8.86
CA SER B 262 -26.87 5.50 -9.44
C SER B 262 -27.27 5.48 -10.91
N THR B 263 -28.01 6.50 -11.32
CA THR B 263 -28.59 6.57 -12.66
C THR B 263 -27.70 7.30 -13.68
N LEU B 264 -26.92 8.26 -13.23
CA LEU B 264 -26.12 9.08 -14.13
C LEU B 264 -25.30 8.24 -15.10
N GLU B 265 -25.06 8.78 -16.29
CA GLU B 265 -24.19 8.07 -17.21
C GLU B 265 -22.74 8.17 -16.74
N GLU B 266 -22.10 7.02 -16.62
CA GLU B 266 -20.74 6.91 -16.11
C GLU B 266 -19.76 7.70 -16.99
N LYS B 267 -20.10 7.83 -18.27
CA LYS B 267 -19.27 8.55 -19.23
C LYS B 267 -19.30 10.06 -18.98
N GLU B 268 -20.46 10.57 -18.58
CA GLU B 268 -20.59 11.97 -18.23
C GLU B 268 -20.11 12.23 -16.80
N TYR B 269 -20.33 11.29 -15.90
CA TYR B 269 -19.92 11.46 -14.51
C TYR B 269 -19.08 10.31 -14.00
N PRO B 270 -17.79 10.28 -14.36
CA PRO B 270 -16.87 9.27 -13.84
C PRO B 270 -17.03 9.05 -12.33
N GLY B 271 -17.17 7.79 -11.94
CA GLY B 271 -17.20 7.39 -10.54
C GLY B 271 -18.61 7.35 -10.00
N ALA B 272 -19.58 7.78 -10.82
CA ALA B 272 -20.94 8.00 -10.37
C ALA B 272 -22.01 7.08 -10.95
N HIS B 273 -21.74 5.80 -11.15
CA HIS B 273 -22.84 4.92 -11.55
C HIS B 273 -22.96 3.78 -10.55
N THR B 274 -23.09 4.15 -9.28
CA THR B 274 -22.87 3.23 -8.17
C THR B 274 -23.90 3.36 -7.04
N ALA B 275 -23.85 2.42 -6.11
CA ALA B 275 -24.79 2.40 -5.00
C ALA B 275 -24.28 3.20 -3.81
N THR B 276 -22.97 3.09 -3.55
CA THR B 276 -22.36 3.92 -2.52
C THR B 276 -21.62 5.13 -3.11
N ILE B 277 -21.11 5.99 -2.25
CA ILE B 277 -20.30 7.12 -2.68
C ILE B 277 -19.27 7.47 -1.61
N LYS B 278 -18.02 7.63 -2.03
CA LYS B 278 -16.93 7.93 -1.08
C LYS B 278 -17.32 9.13 -0.23
N TYR B 279 -17.00 9.08 1.06
CA TYR B 279 -17.36 10.17 1.95
C TYR B 279 -16.71 11.48 1.46
N THR B 280 -15.55 11.39 0.79
CA THR B 280 -14.94 12.58 0.22
C THR B 280 -15.79 13.25 -0.86
N SER B 281 -16.42 12.43 -1.70
CA SER B 281 -17.31 12.97 -2.72
C SER B 281 -18.61 13.52 -2.11
N ALA B 282 -19.06 12.90 -1.03
CA ALA B 282 -20.27 13.34 -0.34
C ALA B 282 -20.04 14.68 0.32
N LEU B 283 -18.87 14.84 0.93
CA LEU B 283 -18.46 16.12 1.53
C LEU B 283 -18.32 17.22 0.47
N THR B 284 -17.90 16.83 -0.73
CA THR B 284 -17.80 17.76 -1.85
C THR B 284 -19.18 18.27 -2.32
N TYR B 285 -20.11 17.35 -2.53
CA TYR B 285 -21.48 17.72 -2.86
C TYR B 285 -22.02 18.68 -1.79
N ASP B 286 -21.84 18.31 -0.53
CA ASP B 286 -22.25 19.10 0.63
C ASP B 286 -21.64 20.49 0.60
N ALA B 287 -20.38 20.57 0.17
CA ALA B 287 -19.66 21.83 0.06
C ALA B 287 -20.33 22.82 -0.90
N VAL B 288 -20.92 22.29 -1.95
CA VAL B 288 -21.60 23.15 -2.91
C VAL B 288 -22.87 23.72 -2.29
N GLN B 289 -23.49 22.97 -1.39
CA GLN B 289 -24.66 23.52 -0.72
C GLN B 289 -24.25 24.65 0.22
N VAL B 290 -23.14 24.44 0.92
CA VAL B 290 -22.72 25.40 1.92
C VAL B 290 -22.33 26.71 1.26
N MET B 291 -21.56 26.61 0.19
CA MET B 291 -21.14 27.78 -0.57
C MET B 291 -22.35 28.51 -1.12
N THR B 292 -23.33 27.75 -1.63
CA THR B 292 -24.56 28.33 -2.16
C THR B 292 -25.34 29.08 -1.09
N GLU B 293 -25.59 28.43 0.04
CA GLU B 293 -26.27 29.07 1.18
C GLU B 293 -25.53 30.32 1.67
N ALA B 294 -24.21 30.21 1.85
CA ALA B 294 -23.44 31.33 2.34
C ALA B 294 -23.65 32.55 1.45
N PHE B 295 -23.50 32.37 0.14
CA PHE B 295 -23.63 33.49 -0.77
C PHE B 295 -25.06 33.95 -0.94
N ARG B 296 -26.00 33.04 -0.76
CA ARG B 296 -27.42 33.38 -0.75
C ARG B 296 -27.72 34.25 0.48
N ASN B 297 -27.20 33.82 1.63
CA ASN B 297 -27.40 34.55 2.87
C ASN B 297 -26.73 35.93 2.89
N LEU B 298 -25.63 36.10 2.16
CA LEU B 298 -25.01 37.41 2.06
C LEU B 298 -25.92 38.40 1.33
N ARG B 299 -26.73 37.88 0.41
CA ARG B 299 -27.71 38.73 -0.28
C ARG B 299 -28.94 39.01 0.58
N LYS B 300 -29.42 37.99 1.29
CA LYS B 300 -30.55 38.16 2.19
C LYS B 300 -30.25 39.21 3.26
N GLN B 301 -28.99 39.55 3.44
CA GLN B 301 -28.62 40.56 4.41
C GLN B 301 -28.05 41.82 3.74
N ARG B 302 -28.20 41.87 2.42
CA ARG B 302 -27.78 43.02 1.62
C ARG B 302 -26.37 43.45 1.96
N ILE B 303 -25.52 42.45 2.20
CA ILE B 303 -24.09 42.64 2.32
C ILE B 303 -23.51 42.55 0.93
N GLU B 304 -23.11 43.69 0.37
CA GLU B 304 -22.51 43.67 -0.96
C GLU B 304 -21.08 43.17 -0.86
N ILE B 305 -20.74 42.21 -1.71
CA ILE B 305 -19.42 41.57 -1.62
C ILE B 305 -18.73 41.57 -2.96
N SER B 306 -19.31 42.27 -3.92
CA SER B 306 -18.78 42.32 -5.28
C SER B 306 -17.50 43.14 -5.34
N ARG B 307 -16.44 42.52 -5.85
CA ARG B 307 -15.15 43.19 -5.95
C ARG B 307 -15.23 44.27 -7.02
N ARG B 308 -14.70 45.45 -6.69
CA ARG B 308 -14.74 46.58 -7.61
C ARG B 308 -13.53 46.55 -8.54
N GLY B 309 -12.35 46.42 -7.95
CA GLY B 309 -11.13 46.37 -8.73
C GLY B 309 -10.51 44.98 -8.72
N ASN B 310 -9.61 44.73 -9.66
CA ASN B 310 -8.94 43.44 -9.75
C ASN B 310 -8.35 43.02 -8.41
N ALA B 311 -8.43 41.71 -8.13
CA ALA B 311 -7.87 41.14 -6.92
C ALA B 311 -6.36 41.40 -6.91
N GLY B 312 -5.76 41.31 -8.10
CA GLY B 312 -4.35 41.61 -8.25
C GLY B 312 -3.44 40.39 -8.23
N ASP B 313 -2.21 40.59 -7.77
CA ASP B 313 -1.24 39.50 -7.70
C ASP B 313 -1.06 39.01 -6.27
N CYS B 314 -1.22 37.71 -6.07
CA CYS B 314 -1.07 37.11 -4.75
C CYS B 314 0.29 37.42 -4.15
N LEU B 315 1.16 38.03 -4.95
CA LEU B 315 2.50 38.38 -4.50
C LEU B 315 2.69 39.90 -4.45
N ALA B 316 1.58 40.62 -4.37
CA ALA B 316 1.62 42.07 -4.32
C ALA B 316 2.11 42.43 -2.94
N ASN B 317 2.84 43.52 -2.83
CA ASN B 317 3.48 43.88 -1.57
C ASN B 317 3.33 45.39 -1.38
N PRO B 318 2.75 45.83 -0.26
CA PRO B 318 2.27 45.00 0.85
C PRO B 318 1.00 44.21 0.58
N ALA B 319 0.80 43.18 1.38
CA ALA B 319 -0.37 42.35 1.38
C ALA B 319 -1.49 43.01 2.16
N VAL B 320 -2.44 43.61 1.47
CA VAL B 320 -3.61 44.21 2.11
C VAL B 320 -4.85 43.45 1.70
N PRO B 321 -5.42 42.67 2.62
CA PRO B 321 -6.54 41.82 2.27
C PRO B 321 -7.77 42.65 1.93
N TRP B 322 -8.61 42.16 1.02
CA TRP B 322 -9.84 42.87 0.68
C TRP B 322 -10.84 42.89 1.83
N GLY B 323 -11.59 43.99 1.89
CA GLY B 323 -12.51 44.25 2.98
C GLY B 323 -13.59 43.23 3.19
N GLN B 324 -14.06 42.60 2.11
CA GLN B 324 -15.22 41.73 2.23
C GLN B 324 -14.89 40.27 2.53
N GLY B 325 -13.60 39.92 2.53
CA GLY B 325 -13.21 38.57 2.90
C GLY B 325 -13.78 38.07 4.21
N VAL B 326 -13.67 38.90 5.25
CA VAL B 326 -14.16 38.54 6.57
C VAL B 326 -15.69 38.26 6.57
N GLU B 327 -16.43 39.03 5.78
CA GLU B 327 -17.88 38.84 5.66
C GLU B 327 -18.20 37.49 5.00
N ILE B 328 -17.43 37.17 3.97
CA ILE B 328 -17.60 35.92 3.25
C ILE B 328 -17.32 34.72 4.14
N GLU B 329 -16.22 34.80 4.89
CA GLU B 329 -15.82 33.79 5.86
C GLU B 329 -16.93 33.58 6.87
N ARG B 330 -17.36 34.68 7.50
CA ARG B 330 -18.43 34.60 8.48
C ARG B 330 -19.69 33.94 7.89
N ALA B 331 -20.11 34.39 6.72
CA ALA B 331 -21.31 33.83 6.08
C ALA B 331 -21.15 32.34 5.85
N LEU B 332 -19.95 31.95 5.41
CA LEU B 332 -19.70 30.55 5.20
C LEU B 332 -19.78 29.77 6.50
N LYS B 333 -19.28 30.36 7.58
CA LYS B 333 -19.22 29.68 8.86
C LYS B 333 -20.55 29.70 9.60
N GLN B 334 -21.47 30.55 9.14
CA GLN B 334 -22.78 30.64 9.78
C GLN B 334 -23.80 29.72 9.13
N VAL B 335 -23.44 29.12 8.01
CA VAL B 335 -24.33 28.20 7.31
C VAL B 335 -24.65 26.98 8.17
N GLN B 336 -25.94 26.66 8.29
CA GLN B 336 -26.33 25.39 8.92
C GLN B 336 -27.37 24.67 8.10
N VAL B 337 -26.96 23.58 7.46
CA VAL B 337 -27.85 22.78 6.63
C VAL B 337 -27.69 21.29 6.92
N GLU B 338 -28.59 20.51 6.36
CA GLU B 338 -28.50 19.06 6.46
C GLU B 338 -28.09 18.57 5.08
N GLY B 339 -27.18 17.59 5.03
CA GLY B 339 -26.71 17.10 3.75
C GLY B 339 -26.39 15.63 3.78
N LEU B 340 -25.60 15.17 2.81
CA LEU B 340 -25.20 13.77 2.76
C LEU B 340 -24.41 13.35 4.01
N SER B 341 -23.67 14.29 4.58
CA SER B 341 -22.88 14.00 5.76
C SER B 341 -23.61 14.41 7.02
N GLY B 342 -24.92 14.55 6.94
CA GLY B 342 -25.71 14.80 8.13
C GLY B 342 -25.89 16.27 8.41
N ASN B 343 -26.14 16.62 9.67
CA ASN B 343 -26.22 18.02 10.04
C ASN B 343 -24.87 18.70 9.86
N ILE B 344 -24.85 19.80 9.11
CA ILE B 344 -23.63 20.54 8.89
C ILE B 344 -23.67 21.85 9.65
N LYS B 345 -22.69 22.03 10.53
CA LYS B 345 -22.56 23.26 11.31
C LYS B 345 -21.09 23.48 11.61
N PHE B 346 -20.69 24.74 11.71
CA PHE B 346 -19.28 25.09 11.96
C PHE B 346 -19.10 25.96 13.19
N ASP B 347 -17.97 25.78 13.87
CA ASP B 347 -17.57 26.75 14.87
C ASP B 347 -16.83 27.92 14.22
N GLN B 348 -16.35 28.85 15.04
CA GLN B 348 -15.69 30.06 14.57
C GLN B 348 -14.38 29.78 13.86
N ASN B 349 -13.88 28.57 14.01
CA ASN B 349 -12.66 28.17 13.31
C ASN B 349 -12.96 27.23 12.15
N GLY B 350 -14.21 27.20 11.69
CA GLY B 350 -14.59 26.41 10.53
C GLY B 350 -14.51 24.90 10.66
N LYS B 351 -14.54 24.40 11.91
CA LYS B 351 -14.57 22.97 12.15
C LYS B 351 -16.03 22.52 12.31
N ARG B 352 -16.36 21.34 11.77
CA ARG B 352 -17.72 20.79 11.92
C ARG B 352 -18.07 20.72 13.40
N ILE B 353 -19.26 21.15 13.77
CA ILE B 353 -19.76 20.87 15.12
C ILE B 353 -21.15 20.27 15.06
N ASN B 354 -21.59 19.71 16.18
CA ASN B 354 -22.90 19.09 16.24
C ASN B 354 -23.07 18.11 15.09
N TYR B 355 -22.03 17.34 14.82
CA TYR B 355 -22.12 16.35 13.75
C TYR B 355 -22.22 14.99 14.40
N THR B 356 -22.51 13.98 13.59
CA THR B 356 -22.60 12.63 14.10
C THR B 356 -21.82 11.62 13.27
N ILE B 357 -21.11 10.73 13.95
CA ILE B 357 -20.40 9.64 13.27
C ILE B 357 -20.97 8.29 13.66
N ASN B 358 -21.47 7.52 12.69
CA ASN B 358 -21.97 6.18 12.96
C ASN B 358 -20.87 5.18 13.24
N ILE B 359 -21.11 4.30 14.19
CA ILE B 359 -20.16 3.23 14.50
C ILE B 359 -20.65 1.93 13.85
N MET B 360 -19.75 1.25 13.16
CA MET B 360 -20.11 0.10 12.37
C MET B 360 -19.31 -1.13 12.77
N GLU B 361 -19.97 -2.28 12.72
CA GLU B 361 -19.29 -3.57 12.69
C GLU B 361 -19.73 -4.35 11.45
N LEU B 362 -18.82 -5.14 10.91
CA LEU B 362 -19.14 -6.00 9.78
C LEU B 362 -19.80 -7.27 10.29
N LYS B 363 -20.92 -7.66 9.71
CA LYS B 363 -21.52 -8.95 10.05
C LYS B 363 -21.67 -9.84 8.82
N THR B 364 -22.03 -11.09 9.03
CA THR B 364 -22.21 -12.02 7.92
C THR B 364 -23.27 -11.51 6.96
N ASN B 365 -24.24 -10.76 7.47
CA ASN B 365 -25.24 -10.13 6.60
C ASN B 365 -24.86 -8.71 6.15
N GLY B 366 -23.60 -8.33 6.34
CA GLY B 366 -23.10 -7.04 5.89
C GLY B 366 -22.85 -6.05 7.01
N PRO B 367 -22.33 -4.85 6.67
CA PRO B 367 -22.06 -3.81 7.66
C PRO B 367 -23.34 -3.41 8.37
N ARG B 368 -23.29 -3.30 9.70
CA ARG B 368 -24.45 -2.82 10.43
C ARG B 368 -24.05 -1.74 11.43
N LYS B 369 -24.87 -0.70 11.50
CA LYS B 369 -24.69 0.37 12.47
C LYS B 369 -24.96 -0.15 13.88
N ILE B 370 -24.03 0.10 14.79
CA ILE B 370 -24.08 -0.46 16.14
C ILE B 370 -24.29 0.65 17.15
N GLY B 371 -24.25 1.88 16.66
CA GLY B 371 -24.31 3.05 17.52
C GLY B 371 -23.80 4.29 16.82
N TYR B 372 -23.58 5.34 17.58
CA TYR B 372 -23.21 6.60 16.98
C TYR B 372 -22.37 7.38 17.96
N TRP B 373 -21.52 8.26 17.43
CA TRP B 373 -20.68 9.11 18.24
C TRP B 373 -21.03 10.58 18.02
N SER B 374 -21.20 11.29 19.12
CA SER B 374 -21.59 12.69 19.09
C SER B 374 -20.54 13.49 19.81
N GLU B 375 -20.41 14.76 19.44
CA GLU B 375 -19.48 15.64 20.11
C GLU B 375 -19.67 15.61 21.62
N VAL B 376 -20.93 15.63 22.05
CA VAL B 376 -21.25 15.84 23.45
C VAL B 376 -21.69 14.57 24.18
N ASP B 377 -22.20 13.59 23.44
CA ASP B 377 -22.66 12.36 24.07
C ASP B 377 -21.58 11.28 24.04
N LYS B 378 -20.51 11.54 23.29
CA LYS B 378 -19.53 10.50 22.98
C LYS B 378 -20.24 9.27 22.40
N MET B 379 -19.79 8.08 22.81
CA MET B 379 -20.21 6.82 22.18
C MET B 379 -21.55 6.24 22.69
N VAL B 380 -22.50 6.02 21.78
CA VAL B 380 -23.81 5.54 22.18
C VAL B 380 -24.27 4.28 21.45
N VAL B 381 -24.37 3.16 22.17
CA VAL B 381 -24.86 1.91 21.60
C VAL B 381 -26.33 1.99 21.20
N THR B 382 -26.61 1.63 19.96
CA THR B 382 -27.95 1.79 19.38
C THR B 382 -28.89 0.62 19.67
N LEU B 383 -30.11 0.95 20.06
CA LEU B 383 -31.12 -0.06 20.37
C LEU B 383 -32.48 0.58 20.67
N ILE C 11 -6.21 -42.00 -44.38
CA ILE C 11 -6.23 -42.17 -42.93
C ILE C 11 -6.97 -41.02 -42.25
N GLN C 12 -8.24 -40.85 -42.60
CA GLN C 12 -9.06 -39.82 -42.00
C GLN C 12 -9.70 -40.29 -40.69
N ILE C 13 -9.47 -39.55 -39.61
CA ILE C 13 -10.01 -39.89 -38.31
C ILE C 13 -11.10 -38.91 -37.89
N GLY C 14 -11.77 -39.23 -36.79
CA GLY C 14 -12.83 -38.37 -36.27
C GLY C 14 -12.40 -37.75 -34.96
N GLY C 15 -12.95 -36.57 -34.67
CA GLY C 15 -12.66 -35.88 -33.43
C GLY C 15 -13.94 -35.37 -32.81
N LEU C 16 -14.12 -35.63 -31.52
CA LEU C 16 -15.33 -35.20 -30.81
C LEU C 16 -14.99 -34.30 -29.64
N PHE C 17 -14.60 -33.06 -29.94
CA PHE C 17 -14.27 -32.09 -28.90
C PHE C 17 -15.52 -31.44 -28.34
N PRO C 18 -15.70 -31.53 -27.01
CA PRO C 18 -16.87 -30.93 -26.38
C PRO C 18 -16.92 -29.43 -26.61
N ARG C 19 -18.05 -28.82 -26.24
CA ARG C 19 -18.24 -27.38 -26.39
C ARG C 19 -17.40 -26.63 -25.37
N GLY C 20 -16.35 -25.97 -25.84
CA GLY C 20 -15.55 -25.11 -24.99
C GLY C 20 -14.16 -25.60 -24.62
N ALA C 21 -13.78 -26.78 -25.10
CA ALA C 21 -12.47 -27.34 -24.80
C ALA C 21 -11.40 -26.75 -25.70
N ASP C 22 -11.39 -25.43 -25.78
CA ASP C 22 -10.53 -24.72 -26.72
C ASP C 22 -9.05 -25.10 -26.61
N GLN C 23 -8.51 -25.07 -25.40
CA GLN C 23 -7.08 -25.28 -25.23
C GLN C 23 -6.63 -26.61 -25.80
N GLU C 24 -7.32 -27.67 -25.38
CA GLU C 24 -7.02 -29.02 -25.87
C GLU C 24 -6.92 -29.04 -27.38
N TYR C 25 -7.86 -28.38 -28.05
CA TYR C 25 -7.87 -28.34 -29.51
C TYR C 25 -6.53 -27.84 -30.03
N SER C 26 -6.03 -26.75 -29.43
CA SER C 26 -4.79 -26.14 -29.87
C SER C 26 -3.60 -27.07 -29.67
N ALA C 27 -3.45 -27.62 -28.46
CA ALA C 27 -2.41 -28.59 -28.20
C ALA C 27 -2.56 -29.79 -29.13
N PHE C 28 -3.81 -30.10 -29.46
CA PHE C 28 -4.11 -31.13 -30.41
C PHE C 28 -3.50 -30.78 -31.76
N ARG C 29 -3.49 -29.49 -32.08
CA ARG C 29 -2.97 -29.00 -33.35
C ARG C 29 -1.45 -28.95 -33.38
N VAL C 30 -0.84 -28.73 -32.22
CA VAL C 30 0.62 -28.69 -32.11
C VAL C 30 1.22 -30.03 -32.51
N GLY C 31 0.66 -31.11 -31.97
CA GLY C 31 1.11 -32.46 -32.32
C GLY C 31 0.82 -32.78 -33.77
N MET C 32 -0.38 -32.44 -34.23
CA MET C 32 -0.78 -32.68 -35.61
C MET C 32 0.28 -32.23 -36.58
N VAL C 33 0.73 -31.00 -36.42
CA VAL C 33 1.73 -30.41 -37.31
C VAL C 33 3.13 -30.83 -36.91
N GLN C 34 3.32 -31.10 -35.62
CA GLN C 34 4.62 -31.57 -35.13
C GLN C 34 4.98 -32.91 -35.77
N PHE C 35 4.10 -33.89 -35.57
CA PHE C 35 4.36 -35.24 -36.05
C PHE C 35 3.77 -35.47 -37.43
N SER C 36 3.87 -34.46 -38.28
CA SER C 36 3.43 -34.55 -39.67
C SER C 36 4.60 -34.99 -40.55
N THR C 37 4.56 -36.24 -41.01
CA THR C 37 5.69 -36.82 -41.72
C THR C 37 5.43 -36.93 -43.23
N SER C 38 6.45 -37.37 -43.96
CA SER C 38 6.34 -37.53 -45.41
C SER C 38 5.56 -38.77 -45.78
N GLU C 39 5.44 -39.70 -44.83
CA GLU C 39 4.71 -40.94 -45.04
C GLU C 39 3.33 -40.67 -45.63
N PHE C 40 2.39 -40.33 -44.76
CA PHE C 40 0.99 -40.16 -45.13
C PHE C 40 0.49 -38.78 -44.76
N ARG C 41 -0.83 -38.67 -44.61
CA ARG C 41 -1.44 -37.44 -44.14
C ARG C 41 -2.55 -37.75 -43.13
N LEU C 42 -2.26 -37.49 -41.85
CA LEU C 42 -3.21 -37.75 -40.78
C LEU C 42 -4.36 -36.75 -40.83
N THR C 43 -5.37 -37.05 -41.65
CA THR C 43 -6.48 -36.13 -41.87
C THR C 43 -7.63 -36.35 -40.88
N PRO C 44 -7.87 -35.35 -40.02
CA PRO C 44 -8.95 -35.41 -39.03
C PRO C 44 -10.24 -34.76 -39.51
N HIS C 45 -11.37 -35.20 -38.95
CA HIS C 45 -12.65 -34.56 -39.19
C HIS C 45 -13.27 -34.22 -37.83
N ILE C 46 -13.39 -32.94 -37.54
CA ILE C 46 -13.72 -32.50 -36.19
C ILE C 46 -15.19 -32.14 -36.00
N ASP C 47 -15.83 -32.78 -35.00
CA ASP C 47 -17.20 -32.43 -34.61
C ASP C 47 -17.22 -31.89 -33.17
N ASN C 48 -17.83 -30.72 -33.00
CA ASN C 48 -17.94 -30.12 -31.66
C ASN C 48 -19.30 -30.36 -31.03
N LEU C 49 -19.32 -31.29 -30.08
CA LEU C 49 -20.57 -31.77 -29.49
C LEU C 49 -20.63 -31.58 -27.98
N GLU C 50 -21.83 -31.73 -27.44
CA GLU C 50 -22.04 -31.70 -26.00
C GLU C 50 -21.98 -33.14 -25.47
N VAL C 51 -20.87 -33.46 -24.82
CA VAL C 51 -20.59 -34.82 -24.38
C VAL C 51 -21.65 -35.41 -23.46
N ALA C 52 -22.23 -34.55 -22.62
CA ALA C 52 -23.21 -35.04 -21.64
C ALA C 52 -24.53 -35.48 -22.28
N ASN C 53 -24.65 -35.23 -23.59
CA ASN C 53 -25.86 -35.59 -24.32
C ASN C 53 -25.54 -36.80 -25.19
N SER C 54 -26.09 -37.95 -24.82
CA SER C 54 -25.76 -39.22 -25.45
C SER C 54 -26.20 -39.23 -26.90
N PHE C 55 -27.40 -38.70 -27.14
CA PHE C 55 -27.92 -38.65 -28.49
C PHE C 55 -26.94 -37.90 -29.39
N ALA C 56 -26.54 -36.70 -28.97
CA ALA C 56 -25.55 -35.92 -29.71
C ALA C 56 -24.25 -36.71 -29.92
N VAL C 57 -23.90 -37.50 -28.93
CA VAL C 57 -22.70 -38.33 -29.03
C VAL C 57 -22.90 -39.52 -29.97
N THR C 58 -24.10 -40.09 -29.96
CA THR C 58 -24.42 -41.15 -30.89
C THR C 58 -24.25 -40.59 -32.28
N ASN C 59 -24.83 -39.41 -32.52
CA ASN C 59 -24.79 -38.80 -33.85
C ASN C 59 -23.37 -38.54 -34.31
N ALA C 60 -22.61 -37.81 -33.51
CA ALA C 60 -21.26 -37.42 -33.89
C ALA C 60 -20.42 -38.64 -34.23
N PHE C 61 -20.44 -39.63 -33.35
CA PHE C 61 -19.71 -40.87 -33.60
C PHE C 61 -20.17 -41.52 -34.90
N CYS C 62 -21.48 -41.50 -35.14
CA CYS C 62 -22.04 -42.16 -36.31
C CYS C 62 -21.64 -41.45 -37.60
N SER C 63 -21.61 -40.12 -37.55
CA SER C 63 -21.07 -39.34 -38.65
C SER C 63 -19.69 -39.88 -38.99
N GLN C 64 -18.76 -39.82 -38.05
CA GLN C 64 -17.40 -40.30 -38.30
C GLN C 64 -17.43 -41.72 -38.86
N PHE C 65 -18.20 -42.60 -38.22
CA PHE C 65 -18.32 -44.00 -38.65
C PHE C 65 -18.68 -44.09 -40.11
N SER C 66 -19.90 -43.70 -40.43
CA SER C 66 -20.45 -43.82 -41.77
C SER C 66 -19.79 -42.89 -42.78
N ARG C 67 -18.80 -42.13 -42.31
CA ARG C 67 -18.03 -41.19 -43.14
C ARG C 67 -16.64 -41.78 -43.38
N GLY C 68 -16.44 -43.00 -42.87
CA GLY C 68 -15.21 -43.73 -43.06
C GLY C 68 -14.01 -43.19 -42.30
N VAL C 69 -14.04 -43.33 -40.97
CA VAL C 69 -12.91 -42.92 -40.13
C VAL C 69 -12.08 -44.13 -39.68
N TYR C 70 -10.84 -43.89 -39.27
CA TYR C 70 -9.92 -44.98 -38.92
C TYR C 70 -8.96 -44.69 -37.76
N ALA C 71 -9.44 -44.29 -36.58
CA ALA C 71 -10.86 -44.15 -36.28
C ALA C 71 -11.15 -42.83 -35.55
N ILE C 72 -11.18 -42.86 -34.22
CA ILE C 72 -11.67 -41.70 -33.49
C ILE C 72 -10.91 -41.31 -32.21
N PHE C 73 -10.66 -40.01 -32.09
CA PHE C 73 -10.15 -39.45 -30.85
C PHE C 73 -11.12 -38.38 -30.34
N GLY C 74 -11.39 -38.41 -29.04
CA GLY C 74 -12.31 -37.44 -28.45
C GLY C 74 -12.48 -37.62 -26.96
N PHE C 75 -13.61 -37.15 -26.46
CA PHE C 75 -13.84 -37.10 -25.02
C PHE C 75 -15.20 -37.65 -24.67
N TYR C 76 -15.34 -38.13 -23.45
CA TYR C 76 -16.65 -38.54 -22.99
C TYR C 76 -16.93 -38.14 -21.53
N ASP C 77 -18.20 -38.30 -21.17
CA ASP C 77 -18.71 -37.93 -19.86
C ASP C 77 -19.04 -39.20 -19.10
N LYS C 78 -19.31 -39.09 -17.82
CA LYS C 78 -19.84 -40.25 -17.13
C LYS C 78 -21.14 -40.59 -17.86
N LYS C 79 -21.78 -39.57 -18.41
CA LYS C 79 -23.14 -39.71 -18.88
C LYS C 79 -23.20 -40.23 -20.32
N SER C 80 -22.04 -40.23 -20.98
CA SER C 80 -21.95 -40.64 -22.37
C SER C 80 -20.96 -41.79 -22.59
N VAL C 81 -20.23 -42.17 -21.55
CA VAL C 81 -19.14 -43.13 -21.70
C VAL C 81 -19.63 -44.50 -22.18
N ASN C 82 -20.86 -44.87 -21.87
CA ASN C 82 -21.39 -46.15 -22.34
C ASN C 82 -21.88 -46.15 -23.78
N THR C 83 -22.14 -44.97 -24.33
CA THR C 83 -22.37 -44.86 -25.77
C THR C 83 -21.07 -45.19 -26.48
N ILE C 84 -20.01 -44.51 -26.03
CA ILE C 84 -18.67 -44.65 -26.61
C ILE C 84 -18.10 -46.08 -26.52
N THR C 85 -18.06 -46.66 -25.33
CA THR C 85 -17.49 -48.00 -25.25
C THR C 85 -18.40 -49.08 -25.83
N SER C 86 -19.71 -48.81 -25.90
CA SER C 86 -20.65 -49.80 -26.42
C SER C 86 -20.64 -49.82 -27.95
N PHE C 87 -20.34 -48.67 -28.55
CA PHE C 87 -20.26 -48.55 -30.00
C PHE C 87 -18.89 -48.95 -30.52
N CYS C 88 -17.85 -48.37 -29.94
CA CYS C 88 -16.47 -48.75 -30.24
C CYS C 88 -16.26 -50.25 -30.14
N GLY C 89 -16.87 -50.87 -29.14
CA GLY C 89 -16.69 -52.28 -28.88
C GLY C 89 -17.41 -53.15 -29.91
N THR C 90 -18.52 -52.64 -30.42
CA THR C 90 -19.32 -53.40 -31.38
C THR C 90 -18.73 -53.30 -32.80
N LEU C 91 -18.27 -52.10 -33.15
CA LEU C 91 -17.77 -51.86 -34.49
C LEU C 91 -16.25 -51.93 -34.59
N HIS C 92 -15.59 -52.36 -33.52
CA HIS C 92 -14.13 -52.48 -33.52
C HIS C 92 -13.45 -51.13 -33.81
N VAL C 93 -14.20 -50.06 -33.62
CA VAL C 93 -13.69 -48.71 -33.83
C VAL C 93 -12.85 -48.30 -32.63
N SER C 94 -11.62 -47.86 -32.89
CA SER C 94 -10.71 -47.46 -31.83
C SER C 94 -10.97 -46.03 -31.36
N PHE C 95 -11.04 -45.86 -30.05
CA PHE C 95 -11.26 -44.56 -29.45
C PHE C 95 -10.07 -44.20 -28.59
N ILE C 96 -9.52 -43.01 -28.79
CA ILE C 96 -8.44 -42.52 -27.93
C ILE C 96 -8.98 -41.32 -27.17
N THR C 97 -8.50 -41.13 -25.94
CA THR C 97 -9.06 -40.07 -25.10
C THR C 97 -8.21 -39.76 -23.88
N PRO C 98 -8.17 -38.48 -23.49
CA PRO C 98 -7.60 -38.01 -22.21
C PRO C 98 -8.64 -38.12 -21.10
N SER C 99 -9.88 -38.42 -21.47
CA SER C 99 -10.95 -38.58 -20.50
C SER C 99 -10.60 -39.64 -19.47
N PHE C 100 -11.34 -39.61 -18.36
CA PHE C 100 -11.16 -40.55 -17.27
C PHE C 100 -11.26 -41.99 -17.76
N PRO C 101 -10.46 -42.90 -17.16
CA PRO C 101 -10.48 -44.32 -17.50
C PRO C 101 -11.84 -44.94 -17.18
N THR C 102 -12.31 -45.81 -18.06
CA THR C 102 -13.59 -46.50 -17.89
C THR C 102 -13.61 -47.35 -16.62
N ASP C 103 -14.80 -47.60 -16.10
CA ASP C 103 -14.95 -48.42 -14.90
C ASP C 103 -15.09 -49.88 -15.30
N GLY C 104 -14.10 -50.36 -16.05
CA GLY C 104 -14.08 -51.72 -16.55
C GLY C 104 -12.96 -51.95 -17.54
N THR C 105 -13.03 -53.09 -18.24
CA THR C 105 -11.96 -53.53 -19.11
C THR C 105 -12.31 -53.44 -20.62
N HIS C 106 -13.25 -52.57 -20.95
CA HIS C 106 -13.75 -52.45 -22.32
C HIS C 106 -12.66 -52.36 -23.39
N PRO C 107 -12.80 -53.16 -24.46
CA PRO C 107 -11.87 -53.11 -25.57
C PRO C 107 -12.16 -51.95 -26.53
N PHE C 108 -11.15 -51.60 -27.33
CA PHE C 108 -11.26 -50.53 -28.33
C PHE C 108 -11.39 -49.14 -27.72
N VAL C 109 -10.75 -48.94 -26.58
CA VAL C 109 -10.65 -47.61 -25.99
C VAL C 109 -9.23 -47.39 -25.46
N ILE C 110 -8.63 -46.29 -25.88
CA ILE C 110 -7.22 -46.01 -25.62
C ILE C 110 -7.12 -44.86 -24.62
N GLN C 111 -6.91 -45.21 -23.37
CA GLN C 111 -7.02 -44.25 -22.28
C GLN C 111 -5.68 -43.60 -21.94
N MET C 112 -5.54 -42.33 -22.33
CA MET C 112 -4.33 -41.57 -22.09
C MET C 112 -4.15 -41.19 -20.62
N ARG C 113 -5.26 -40.95 -19.92
CA ARG C 113 -5.22 -40.55 -18.52
C ARG C 113 -5.07 -41.76 -17.61
N PRO C 114 -3.90 -41.89 -16.97
CA PRO C 114 -3.55 -43.01 -16.11
C PRO C 114 -4.30 -42.98 -14.78
N ASP C 115 -4.48 -44.15 -14.19
CA ASP C 115 -5.19 -44.30 -12.92
C ASP C 115 -4.57 -43.43 -11.83
N LEU C 116 -5.42 -42.79 -11.03
CA LEU C 116 -4.95 -41.97 -9.91
C LEU C 116 -5.19 -42.68 -8.58
N LYS C 117 -6.12 -43.64 -8.59
CA LYS C 117 -6.56 -44.29 -7.36
C LYS C 117 -5.43 -44.80 -6.47
N GLY C 118 -4.40 -45.37 -7.07
CA GLY C 118 -3.32 -45.94 -6.29
C GLY C 118 -2.63 -44.85 -5.49
N ALA C 119 -2.32 -43.78 -6.18
CA ALA C 119 -1.64 -42.64 -5.60
C ALA C 119 -2.47 -41.97 -4.52
N LEU C 120 -3.74 -41.69 -4.81
CA LEU C 120 -4.60 -41.07 -3.82
C LEU C 120 -4.62 -41.90 -2.56
N LEU C 121 -4.89 -43.19 -2.70
CA LEU C 121 -4.92 -44.07 -1.54
C LEU C 121 -3.55 -44.10 -0.85
N SER C 122 -2.50 -44.26 -1.65
CA SER C 122 -1.15 -44.34 -1.12
C SER C 122 -0.76 -43.04 -0.41
N LEU C 123 -1.00 -41.91 -1.08
CA LEU C 123 -0.71 -40.59 -0.53
C LEU C 123 -1.51 -40.33 0.74
N ILE C 124 -2.67 -40.97 0.87
CA ILE C 124 -3.47 -40.83 2.08
C ILE C 124 -2.74 -41.46 3.27
N GLU C 125 -2.12 -42.61 3.01
CA GLU C 125 -1.36 -43.33 4.03
C GLU C 125 -0.06 -42.60 4.36
N TYR C 126 0.62 -42.10 3.34
CA TYR C 126 1.84 -41.35 3.52
C TYR C 126 1.65 -40.31 4.63
N TYR C 127 0.52 -39.61 4.60
CA TYR C 127 0.17 -38.65 5.66
C TYR C 127 -0.50 -39.34 6.84
N GLN C 128 -0.62 -40.65 6.76
CA GLN C 128 -1.18 -41.42 7.87
C GLN C 128 -2.49 -40.80 8.34
N TRP C 129 -3.44 -40.67 7.41
CA TRP C 129 -4.77 -40.17 7.71
C TRP C 129 -5.70 -41.31 8.17
N ASP C 130 -6.52 -41.01 9.17
CA ASP C 130 -7.53 -41.95 9.63
C ASP C 130 -8.91 -41.31 9.62
N LYS C 131 -8.96 -39.99 9.77
CA LYS C 131 -10.23 -39.30 9.61
C LYS C 131 -10.09 -38.12 8.65
N PHE C 132 -11.08 -37.94 7.78
CA PHE C 132 -11.04 -36.88 6.78
C PHE C 132 -12.36 -36.78 6.01
N ALA C 133 -12.48 -35.73 5.21
CA ALA C 133 -13.62 -35.56 4.35
C ALA C 133 -13.19 -35.81 2.92
N TYR C 134 -14.12 -36.29 2.10
CA TYR C 134 -13.84 -36.58 0.71
C TYR C 134 -14.89 -35.86 -0.11
N LEU C 135 -14.52 -34.69 -0.63
CA LEU C 135 -15.43 -33.92 -1.46
C LEU C 135 -15.24 -34.33 -2.91
N TYR C 136 -16.28 -34.90 -3.50
CA TYR C 136 -16.23 -35.34 -4.88
C TYR C 136 -17.39 -34.79 -5.71
N ASP C 137 -17.18 -34.68 -7.01
CA ASP C 137 -18.29 -34.56 -7.95
C ASP C 137 -18.17 -35.77 -8.85
N SER C 138 -19.17 -36.08 -9.64
CA SER C 138 -19.22 -37.42 -10.22
C SER C 138 -18.83 -37.52 -11.69
N ASP C 139 -18.25 -36.46 -12.24
CA ASP C 139 -18.13 -36.33 -13.70
C ASP C 139 -17.17 -37.33 -14.38
N ARG C 140 -16.36 -38.04 -13.59
CA ARG C 140 -15.46 -39.06 -14.11
C ARG C 140 -15.75 -40.45 -13.53
N GLY C 141 -17.01 -40.71 -13.22
CA GLY C 141 -17.39 -41.93 -12.53
C GLY C 141 -17.02 -41.84 -11.06
N LEU C 142 -17.32 -42.90 -10.30
CA LEU C 142 -16.96 -42.89 -8.90
C LEU C 142 -16.07 -44.07 -8.57
N SER C 143 -15.27 -44.51 -9.54
CA SER C 143 -14.28 -45.53 -9.24
C SER C 143 -13.36 -45.03 -8.12
N THR C 144 -13.24 -43.71 -8.00
CA THR C 144 -12.37 -43.13 -6.99
C THR C 144 -12.99 -43.12 -5.59
N LEU C 145 -14.21 -42.60 -5.47
CA LEU C 145 -14.81 -42.52 -4.15
C LEU C 145 -15.13 -43.93 -3.62
N GLN C 146 -15.32 -44.88 -4.53
CA GLN C 146 -15.60 -46.25 -4.14
C GLN C 146 -14.30 -46.94 -3.73
N ALA C 147 -13.19 -46.51 -4.32
CA ALA C 147 -11.90 -47.09 -3.95
C ALA C 147 -11.49 -46.67 -2.54
N VAL C 148 -11.88 -45.47 -2.10
CA VAL C 148 -11.57 -45.06 -0.72
C VAL C 148 -12.60 -45.58 0.28
N LEU C 149 -13.89 -45.56 -0.08
CA LEU C 149 -14.90 -46.18 0.75
C LEU C 149 -14.56 -47.65 0.92
N ASP C 150 -14.23 -48.30 -0.21
CA ASP C 150 -13.83 -49.70 -0.20
C ASP C 150 -12.43 -49.91 0.40
N SER C 151 -11.99 -48.94 1.21
CA SER C 151 -10.73 -49.09 1.96
C SER C 151 -10.86 -48.54 3.38
N ALA C 152 -11.79 -47.61 3.57
CA ALA C 152 -12.19 -47.18 4.90
C ALA C 152 -12.61 -48.44 5.63
N ALA C 153 -12.80 -49.49 4.85
CA ALA C 153 -13.03 -50.83 5.35
C ALA C 153 -11.72 -51.40 5.90
N GLU C 154 -10.91 -51.91 4.97
CA GLU C 154 -9.62 -52.55 5.23
C GLU C 154 -8.69 -51.80 6.20
N LYS C 155 -8.76 -50.48 6.19
CA LYS C 155 -7.78 -49.68 6.90
C LYS C 155 -8.43 -48.81 7.96
N LYS C 156 -9.71 -49.05 8.20
CA LYS C 156 -10.46 -48.41 9.28
C LYS C 156 -10.36 -46.88 9.27
N TRP C 157 -10.58 -46.27 8.11
CA TRP C 157 -10.72 -44.83 8.02
C TRP C 157 -12.13 -44.40 8.39
N GLN C 158 -12.27 -43.13 8.75
CA GLN C 158 -13.56 -42.54 9.05
C GLN C 158 -13.82 -41.39 8.07
N VAL C 159 -14.38 -41.73 6.92
CA VAL C 159 -14.54 -40.79 5.81
C VAL C 159 -15.88 -40.08 5.87
N THR C 160 -15.86 -38.77 5.61
CA THR C 160 -17.07 -37.99 5.46
C THR C 160 -17.13 -37.58 4.00
N ALA C 161 -17.58 -38.50 3.14
CA ALA C 161 -17.61 -38.29 1.70
C ALA C 161 -18.87 -37.57 1.25
N ILE C 162 -18.71 -36.30 0.85
CA ILE C 162 -19.83 -35.48 0.40
C ILE C 162 -19.81 -35.17 -1.09
N ASN C 163 -20.62 -35.87 -1.87
CA ASN C 163 -20.87 -35.46 -3.25
C ASN C 163 -21.18 -33.96 -3.28
N VAL C 164 -20.37 -33.19 -4.00
CA VAL C 164 -20.52 -31.73 -4.04
C VAL C 164 -20.89 -31.24 -5.44
N GLY C 165 -21.12 -32.20 -6.35
CA GLY C 165 -21.33 -31.91 -7.76
C GLY C 165 -22.70 -31.37 -8.15
N ASN C 166 -23.62 -31.32 -7.20
CA ASN C 166 -24.98 -30.91 -7.55
C ASN C 166 -25.24 -29.42 -7.37
N ILE C 167 -24.39 -28.76 -6.59
CA ILE C 167 -24.54 -27.33 -6.31
C ILE C 167 -25.08 -26.52 -7.49
N ASN C 168 -26.13 -25.77 -7.24
CA ASN C 168 -26.85 -25.04 -8.28
C ASN C 168 -25.98 -24.09 -9.11
N ASN C 169 -24.89 -23.61 -8.52
CA ASN C 169 -24.09 -22.55 -9.13
C ASN C 169 -24.86 -21.24 -9.08
N ASP C 170 -26.18 -21.32 -9.28
CA ASP C 170 -27.05 -20.16 -9.16
C ASP C 170 -26.79 -19.45 -7.85
N LYS C 171 -27.02 -20.15 -6.75
CA LYS C 171 -26.73 -19.62 -5.42
C LYS C 171 -25.73 -20.53 -4.71
N LYS C 172 -24.51 -20.53 -5.22
CA LYS C 172 -23.44 -21.38 -4.70
C LYS C 172 -22.68 -20.73 -3.56
N ASP C 173 -22.72 -19.40 -3.51
CA ASP C 173 -22.08 -18.63 -2.45
C ASP C 173 -22.73 -18.91 -1.10
N GLU C 174 -23.66 -19.85 -1.07
CA GLU C 174 -24.38 -20.18 0.14
C GLU C 174 -24.21 -21.65 0.49
N THR C 175 -24.28 -22.51 -0.53
CA THR C 175 -24.19 -23.95 -0.34
C THR C 175 -22.86 -24.37 0.30
N TYR C 176 -21.77 -23.78 -0.19
CA TYR C 176 -20.45 -24.10 0.34
C TYR C 176 -20.32 -23.67 1.80
N ARG C 177 -20.60 -22.39 2.06
CA ARG C 177 -20.53 -21.85 3.41
C ARG C 177 -21.53 -22.53 4.33
N SER C 178 -22.34 -23.42 3.77
CA SER C 178 -23.34 -24.14 4.54
C SER C 178 -22.92 -25.59 4.78
N LEU C 179 -21.96 -26.05 4.00
CA LEU C 179 -21.45 -27.42 4.13
C LEU C 179 -20.07 -27.44 4.75
N PHE C 180 -19.53 -26.27 5.03
CA PHE C 180 -18.27 -26.20 5.75
C PHE C 180 -18.53 -26.00 7.23
N GLN C 181 -19.80 -25.95 7.59
CA GLN C 181 -20.23 -26.00 8.98
C GLN C 181 -20.62 -27.43 9.31
N ASP C 182 -20.88 -28.21 8.27
CA ASP C 182 -21.15 -29.64 8.41
C ASP C 182 -19.83 -30.40 8.49
N LEU C 183 -18.74 -29.66 8.37
CA LEU C 183 -17.41 -30.23 8.47
C LEU C 183 -16.71 -29.71 9.72
N GLU C 184 -17.41 -28.82 10.42
CA GLU C 184 -16.94 -28.33 11.70
C GLU C 184 -17.45 -29.29 12.79
N LEU C 185 -18.50 -30.04 12.44
CA LEU C 185 -19.09 -31.02 13.34
C LEU C 185 -18.05 -32.01 13.86
N LYS C 186 -17.35 -32.66 12.94
CA LYS C 186 -16.28 -33.58 13.30
C LYS C 186 -14.92 -32.87 13.30
N LYS C 187 -14.96 -31.54 13.14
CA LYS C 187 -13.74 -30.74 13.12
C LYS C 187 -12.80 -31.26 12.04
N GLU C 188 -13.24 -31.23 10.79
CA GLU C 188 -12.46 -31.83 9.72
C GLU C 188 -11.40 -30.86 9.23
N ARG C 189 -10.14 -31.30 9.29
CA ARG C 189 -9.01 -30.48 8.93
C ARG C 189 -8.30 -31.12 7.74
N ARG C 190 -8.74 -32.33 7.43
CA ARG C 190 -8.17 -33.10 6.34
C ARG C 190 -9.25 -33.34 5.28
N VAL C 191 -8.97 -32.87 4.08
CA VAL C 191 -10.00 -32.78 3.05
C VAL C 191 -9.43 -33.11 1.69
N ILE C 192 -10.09 -34.04 1.01
CA ILE C 192 -9.76 -34.34 -0.36
C ILE C 192 -10.72 -33.64 -1.32
N LEU C 193 -10.15 -33.07 -2.39
CA LEU C 193 -10.93 -32.36 -3.38
C LEU C 193 -10.81 -33.06 -4.73
N ASP C 194 -11.81 -33.87 -5.04
CA ASP C 194 -11.80 -34.69 -6.23
C ASP C 194 -12.87 -34.18 -7.17
N CYS C 195 -12.62 -33.01 -7.75
CA CYS C 195 -13.58 -32.30 -8.59
C CYS C 195 -12.95 -31.89 -9.92
N GLU C 196 -13.79 -31.53 -10.90
CA GLU C 196 -13.31 -30.85 -12.08
C GLU C 196 -12.45 -29.64 -11.65
N ARG C 197 -11.48 -29.26 -12.49
CA ARG C 197 -10.54 -28.20 -12.15
C ARG C 197 -11.19 -26.85 -11.84
N ASP C 198 -12.35 -26.60 -12.44
CA ASP C 198 -13.06 -25.36 -12.21
C ASP C 198 -13.74 -25.34 -10.85
N LYS C 199 -14.34 -26.46 -10.49
CA LYS C 199 -15.04 -26.61 -9.22
C LYS C 199 -14.03 -26.59 -8.07
N VAL C 200 -12.84 -27.10 -8.32
CA VAL C 200 -11.76 -27.02 -7.36
C VAL C 200 -11.43 -25.54 -7.05
N ASN C 201 -11.14 -24.76 -8.09
CA ASN C 201 -10.89 -23.34 -7.90
C ASN C 201 -12.00 -22.63 -7.14
N ASP C 202 -13.25 -22.92 -7.47
CA ASP C 202 -14.39 -22.31 -6.76
C ASP C 202 -14.38 -22.66 -5.27
N ILE C 203 -13.90 -23.86 -4.96
CA ILE C 203 -13.93 -24.36 -3.59
C ILE C 203 -12.78 -23.74 -2.83
N VAL C 204 -11.60 -23.81 -3.43
CA VAL C 204 -10.45 -23.09 -2.90
C VAL C 204 -10.78 -21.62 -2.61
N ASP C 205 -11.56 -20.97 -3.47
CA ASP C 205 -11.97 -19.57 -3.22
C ASP C 205 -12.81 -19.46 -1.96
N GLN C 206 -13.79 -20.35 -1.79
CA GLN C 206 -14.67 -20.25 -0.64
C GLN C 206 -13.91 -20.66 0.61
N VAL C 207 -12.96 -21.58 0.45
CA VAL C 207 -12.12 -21.98 1.56
C VAL C 207 -11.35 -20.76 2.06
N ILE C 208 -10.83 -19.97 1.13
CA ILE C 208 -10.09 -18.78 1.52
C ILE C 208 -11.04 -17.81 2.21
N THR C 209 -12.19 -17.56 1.60
CA THR C 209 -13.15 -16.61 2.16
C THR C 209 -13.58 -17.03 3.56
N ILE C 210 -13.80 -18.33 3.76
CA ILE C 210 -14.23 -18.87 5.06
C ILE C 210 -13.11 -18.88 6.11
N GLY C 211 -11.87 -18.65 5.67
CA GLY C 211 -10.73 -18.67 6.58
C GLY C 211 -10.22 -20.06 6.87
N LYS C 212 -10.47 -20.99 5.96
CA LYS C 212 -10.06 -22.37 6.21
C LYS C 212 -8.80 -22.77 5.46
N HIS C 213 -8.03 -21.78 5.01
CA HIS C 213 -6.74 -22.07 4.39
C HIS C 213 -5.61 -21.83 5.38
N VAL C 214 -5.94 -21.85 6.67
CA VAL C 214 -4.96 -21.57 7.72
C VAL C 214 -4.29 -22.82 8.24
N LYS C 215 -3.15 -22.64 8.89
CA LYS C 215 -2.40 -23.73 9.48
C LYS C 215 -3.35 -24.67 10.24
N GLY C 216 -3.12 -25.98 10.10
CA GLY C 216 -3.98 -26.97 10.72
C GLY C 216 -4.76 -27.77 9.68
N TYR C 217 -5.20 -27.09 8.62
CA TYR C 217 -5.90 -27.72 7.51
C TYR C 217 -4.94 -28.32 6.50
N HIS C 218 -5.38 -29.37 5.83
CA HIS C 218 -4.56 -30.01 4.82
C HIS C 218 -5.44 -30.48 3.67
N TYR C 219 -5.19 -29.94 2.47
CA TYR C 219 -6.01 -30.28 1.32
C TYR C 219 -5.25 -31.17 0.36
N ILE C 220 -5.92 -32.23 -0.09
CA ILE C 220 -5.38 -33.07 -1.14
C ILE C 220 -6.17 -32.75 -2.41
N ILE C 221 -5.48 -32.48 -3.50
CA ILE C 221 -6.15 -32.20 -4.76
C ILE C 221 -6.07 -33.43 -5.65
N ALA C 222 -7.18 -34.15 -5.73
CA ALA C 222 -7.22 -35.43 -6.42
C ALA C 222 -7.50 -35.27 -7.90
N ASN C 223 -6.57 -34.63 -8.60
CA ASN C 223 -6.56 -34.62 -10.07
C ASN C 223 -5.12 -34.69 -10.55
N LEU C 224 -4.90 -34.60 -11.85
CA LEU C 224 -3.55 -34.71 -12.39
C LEU C 224 -2.93 -33.34 -12.72
N GLY C 225 -3.66 -32.27 -12.40
CA GLY C 225 -3.22 -30.92 -12.71
C GLY C 225 -3.06 -30.06 -11.47
N PHE C 226 -2.08 -30.40 -10.63
CA PHE C 226 -1.85 -29.63 -9.43
C PHE C 226 -1.42 -28.21 -9.77
N THR C 227 -0.36 -28.09 -10.57
CA THR C 227 0.13 -26.79 -10.98
C THR C 227 -0.60 -26.31 -12.24
N ASP C 228 -1.77 -26.87 -12.46
CA ASP C 228 -2.65 -26.40 -13.53
C ASP C 228 -3.49 -25.26 -12.96
N GLY C 229 -3.77 -25.32 -11.66
CA GLY C 229 -4.64 -24.35 -11.03
C GLY C 229 -3.95 -23.09 -10.55
N ASP C 230 -4.70 -22.21 -9.91
CA ASP C 230 -4.12 -21.03 -9.30
C ASP C 230 -3.85 -21.31 -7.83
N LEU C 231 -2.69 -21.88 -7.54
CA LEU C 231 -2.31 -22.20 -6.16
C LEU C 231 -1.80 -21.00 -5.35
N LEU C 232 -1.26 -20.00 -6.06
CA LEU C 232 -0.68 -18.83 -5.40
C LEU C 232 -1.58 -18.22 -4.33
N LYS C 233 -2.88 -18.20 -4.59
CA LYS C 233 -3.84 -17.59 -3.70
C LYS C 233 -4.06 -18.37 -2.40
N ILE C 234 -3.63 -19.63 -2.36
CA ILE C 234 -3.74 -20.42 -1.13
C ILE C 234 -2.36 -20.76 -0.59
N GLN C 235 -1.35 -20.23 -1.27
CA GLN C 235 0.05 -20.43 -0.91
C GLN C 235 0.47 -19.82 0.44
N PHE C 236 -0.22 -18.79 0.89
CA PHE C 236 0.29 -18.03 2.03
C PHE C 236 -0.56 -18.08 3.29
N GLY C 237 -1.55 -18.95 3.33
CA GLY C 237 -2.44 -18.99 4.46
C GLY C 237 -1.93 -19.84 5.61
N GLY C 238 -1.00 -20.74 5.31
CA GLY C 238 -0.53 -21.69 6.30
C GLY C 238 -1.00 -23.12 6.03
N ALA C 239 -2.20 -23.28 5.49
CA ALA C 239 -2.75 -24.61 5.25
C ALA C 239 -1.79 -25.48 4.44
N ASN C 240 -1.81 -26.78 4.70
CA ASN C 240 -1.09 -27.71 3.86
C ASN C 240 -1.92 -28.05 2.62
N VAL C 241 -1.25 -28.18 1.49
CA VAL C 241 -1.91 -28.47 0.23
C VAL C 241 -0.99 -29.38 -0.58
N SER C 242 -1.49 -30.54 -0.97
CA SER C 242 -0.68 -31.44 -1.78
C SER C 242 -1.49 -32.12 -2.89
N GLY C 243 -0.80 -32.64 -3.88
CA GLY C 243 -1.47 -33.27 -5.00
C GLY C 243 -0.57 -33.95 -6.02
N PHE C 244 -1.06 -33.99 -7.26
CA PHE C 244 -0.45 -34.80 -8.31
C PHE C 244 -0.26 -34.03 -9.60
N GLN C 245 0.96 -34.14 -10.13
CA GLN C 245 1.29 -33.59 -11.43
C GLN C 245 1.78 -34.72 -12.32
N ILE C 246 1.06 -35.00 -13.39
CA ILE C 246 1.46 -36.05 -14.32
C ILE C 246 2.40 -35.50 -15.39
N VAL C 247 2.61 -34.18 -15.37
CA VAL C 247 3.44 -33.52 -16.38
C VAL C 247 4.64 -32.82 -15.75
N ASP C 248 5.76 -33.52 -15.65
CA ASP C 248 6.97 -32.93 -15.10
C ASP C 248 7.48 -31.84 -16.03
N TYR C 249 7.94 -30.74 -15.45
CA TYR C 249 8.51 -29.63 -16.22
C TYR C 249 10.04 -29.63 -16.07
N ASP C 250 10.57 -30.70 -15.49
CA ASP C 250 12.00 -30.79 -15.23
C ASP C 250 12.71 -31.75 -16.18
N ASP C 251 11.98 -32.22 -17.19
CA ASP C 251 12.59 -33.06 -18.22
C ASP C 251 13.33 -32.18 -19.22
N SER C 252 13.69 -32.76 -20.36
CA SER C 252 14.37 -32.01 -21.41
C SER C 252 13.47 -31.87 -22.65
N LEU C 253 12.42 -32.68 -22.71
CA LEU C 253 11.48 -32.63 -23.82
C LEU C 253 10.38 -31.63 -23.51
N VAL C 254 9.86 -31.69 -22.28
CA VAL C 254 8.83 -30.76 -21.85
C VAL C 254 9.34 -29.33 -21.88
N SER C 255 10.61 -29.15 -21.52
CA SER C 255 11.22 -27.84 -21.52
C SER C 255 11.30 -27.29 -22.95
N LYS C 256 11.70 -28.14 -23.88
CA LYS C 256 11.76 -27.75 -25.28
C LYS C 256 10.38 -27.45 -25.86
N PHE C 257 9.38 -28.18 -25.35
CA PHE C 257 8.00 -27.99 -25.80
C PHE C 257 7.40 -26.70 -25.25
N ILE C 258 7.41 -26.57 -23.93
CA ILE C 258 6.86 -25.40 -23.25
C ILE C 258 7.57 -24.14 -23.77
N GLU C 259 8.68 -24.36 -24.46
CA GLU C 259 9.46 -23.28 -25.05
C GLU C 259 8.65 -22.63 -26.18
N ARG C 260 8.20 -23.47 -27.11
CA ARG C 260 7.45 -23.02 -28.27
C ARG C 260 5.99 -22.73 -27.91
N TRP C 261 5.44 -23.53 -27.01
CA TRP C 261 4.06 -23.38 -26.57
C TRP C 261 3.79 -21.93 -26.13
N SER C 262 4.63 -21.42 -25.24
CA SER C 262 4.46 -20.07 -24.73
C SER C 262 4.45 -19.02 -25.84
N THR C 263 5.29 -19.23 -26.85
CA THR C 263 5.43 -18.27 -27.95
C THR C 263 4.51 -18.60 -29.13
N LEU C 264 3.21 -18.58 -28.88
CA LEU C 264 2.23 -18.87 -29.93
C LEU C 264 1.12 -17.84 -29.93
N GLU C 265 0.67 -17.46 -31.11
CA GLU C 265 -0.42 -16.51 -31.23
C GLU C 265 -1.68 -17.05 -30.56
N GLU C 266 -2.12 -16.37 -29.51
CA GLU C 266 -3.27 -16.82 -28.72
C GLU C 266 -4.59 -16.75 -29.50
N LYS C 267 -4.62 -15.96 -30.56
CA LYS C 267 -5.78 -15.88 -31.44
C LYS C 267 -5.74 -17.04 -32.43
N GLU C 268 -4.56 -17.61 -32.62
CA GLU C 268 -4.38 -18.76 -33.50
C GLU C 268 -4.53 -20.06 -32.71
N TYR C 269 -4.21 -20.01 -31.42
CA TYR C 269 -4.29 -21.18 -30.56
C TYR C 269 -4.92 -20.83 -29.21
N PRO C 270 -6.25 -20.65 -29.18
CA PRO C 270 -6.95 -20.26 -27.96
C PRO C 270 -6.49 -21.04 -26.73
N GLY C 271 -5.83 -20.36 -25.79
CA GLY C 271 -5.43 -20.94 -24.52
C GLY C 271 -3.98 -21.39 -24.43
N ALA C 272 -3.25 -21.27 -25.54
CA ALA C 272 -1.92 -21.85 -25.64
C ALA C 272 -0.76 -20.89 -25.37
N HIS C 273 -1.03 -19.59 -25.35
CA HIS C 273 0.02 -18.60 -25.15
C HIS C 273 0.38 -18.46 -23.68
N THR C 274 0.67 -19.59 -23.04
CA THR C 274 0.89 -19.62 -21.60
C THR C 274 2.23 -20.26 -21.24
N ALA C 275 2.38 -20.60 -19.96
CA ALA C 275 3.59 -21.24 -19.47
C ALA C 275 3.27 -22.66 -19.02
N THR C 276 2.19 -22.80 -18.26
CA THR C 276 1.72 -24.12 -17.86
C THR C 276 0.77 -24.65 -18.92
N ILE C 277 0.51 -25.95 -18.87
CA ILE C 277 -0.40 -26.58 -19.81
C ILE C 277 -1.21 -27.67 -19.12
N LYS C 278 -2.53 -27.54 -19.16
CA LYS C 278 -3.41 -28.49 -18.46
C LYS C 278 -3.02 -29.92 -18.79
N TYR C 279 -3.30 -30.85 -17.88
CA TYR C 279 -3.01 -32.25 -18.17
C TYR C 279 -3.84 -32.79 -19.33
N THR C 280 -5.15 -32.59 -19.27
CA THR C 280 -6.00 -33.04 -20.37
C THR C 280 -5.44 -32.53 -21.69
N SER C 281 -5.09 -31.25 -21.72
CA SER C 281 -4.51 -30.64 -22.90
C SER C 281 -3.20 -31.33 -23.28
N ALA C 282 -2.36 -31.59 -22.28
CA ALA C 282 -1.07 -32.24 -22.49
C ALA C 282 -1.25 -33.66 -23.04
N LEU C 283 -2.19 -34.41 -22.49
CA LEU C 283 -2.47 -35.76 -22.95
C LEU C 283 -3.01 -35.75 -24.38
N THR C 284 -3.79 -34.72 -24.70
CA THR C 284 -4.34 -34.59 -26.04
C THR C 284 -3.19 -34.57 -27.05
N TYR C 285 -2.18 -33.76 -26.75
CA TYR C 285 -1.00 -33.69 -27.59
C TYR C 285 -0.35 -35.07 -27.73
N ASP C 286 0.02 -35.67 -26.60
CA ASP C 286 0.65 -36.99 -26.60
C ASP C 286 -0.17 -38.01 -27.38
N ALA C 287 -1.48 -37.89 -27.33
CA ALA C 287 -2.35 -38.79 -28.09
C ALA C 287 -1.98 -38.73 -29.56
N VAL C 288 -1.72 -37.54 -30.06
CA VAL C 288 -1.38 -37.35 -31.47
C VAL C 288 -0.11 -38.11 -31.84
N GLN C 289 0.87 -38.11 -30.95
CA GLN C 289 2.10 -38.85 -31.19
C GLN C 289 1.80 -40.34 -31.17
N VAL C 290 0.88 -40.75 -30.30
CA VAL C 290 0.50 -42.16 -30.20
C VAL C 290 -0.31 -42.64 -31.40
N MET C 291 -1.29 -41.85 -31.83
CA MET C 291 -2.07 -42.18 -33.02
C MET C 291 -1.19 -42.11 -34.26
N THR C 292 0.02 -41.61 -34.07
CA THR C 292 1.00 -41.53 -35.16
C THR C 292 1.86 -42.79 -35.22
N GLU C 293 2.77 -42.93 -34.26
CA GLU C 293 3.68 -44.06 -34.22
C GLU C 293 2.93 -45.38 -34.29
N ALA C 294 1.65 -45.35 -33.94
CA ALA C 294 0.81 -46.52 -34.04
C ALA C 294 0.69 -46.93 -35.51
N PHE C 295 0.15 -46.03 -36.32
CA PHE C 295 -0.03 -46.30 -37.75
C PHE C 295 1.30 -46.45 -38.47
N ARG C 296 2.36 -45.91 -37.88
CA ARG C 296 3.70 -46.04 -38.44
C ARG C 296 4.20 -47.48 -38.25
N ASN C 297 3.90 -48.05 -37.09
CA ASN C 297 4.24 -49.44 -36.80
C ASN C 297 3.33 -50.39 -37.58
N LEU C 298 2.09 -49.95 -37.80
CA LEU C 298 1.10 -50.74 -38.51
C LEU C 298 1.44 -50.83 -40.00
N ARG C 299 2.11 -49.80 -40.50
CA ARG C 299 2.51 -49.77 -41.91
C ARG C 299 3.82 -50.51 -42.12
N LYS C 300 4.66 -50.52 -41.08
CA LYS C 300 5.93 -51.24 -41.14
C LYS C 300 5.75 -52.73 -40.91
N GLN C 301 4.50 -53.15 -40.82
CA GLN C 301 4.17 -54.57 -40.77
C GLN C 301 3.38 -54.90 -42.03
N ARG C 302 3.30 -53.92 -42.92
CA ARG C 302 2.57 -54.06 -44.17
C ARG C 302 1.21 -54.70 -43.93
N ILE C 303 0.42 -54.07 -43.07
CA ILE C 303 -0.94 -54.51 -42.82
C ILE C 303 -1.91 -53.53 -43.44
N GLU C 304 -2.16 -53.69 -44.74
CA GLU C 304 -3.02 -52.77 -45.47
C GLU C 304 -4.43 -52.73 -44.88
N ILE C 305 -4.76 -51.61 -44.25
CA ILE C 305 -6.06 -51.44 -43.59
C ILE C 305 -7.05 -50.67 -44.46
N SER C 306 -6.68 -50.44 -45.72
CA SER C 306 -7.57 -49.76 -46.65
C SER C 306 -8.94 -50.42 -46.67
N ARG C 307 -9.96 -49.68 -46.23
CA ARG C 307 -11.32 -50.19 -46.16
C ARG C 307 -11.84 -50.62 -47.54
N ARG C 308 -12.61 -51.71 -47.57
CA ARG C 308 -13.18 -52.21 -48.81
C ARG C 308 -13.98 -51.12 -49.52
N GLY C 309 -15.20 -50.91 -49.04
CA GLY C 309 -16.06 -49.87 -49.58
C GLY C 309 -16.49 -48.89 -48.51
N ASN C 310 -17.78 -48.59 -48.49
CA ASN C 310 -18.33 -47.69 -47.49
C ASN C 310 -18.35 -48.35 -46.12
N ALA C 311 -17.96 -47.61 -45.09
CA ALA C 311 -18.03 -48.11 -43.72
C ALA C 311 -19.46 -48.48 -43.39
N GLY C 312 -20.40 -47.81 -44.06
CA GLY C 312 -21.81 -48.15 -43.94
C GLY C 312 -22.56 -47.43 -42.85
N ASP C 313 -23.82 -47.83 -42.68
CA ASP C 313 -24.72 -47.21 -41.72
C ASP C 313 -24.42 -47.65 -40.30
N CYS C 314 -24.61 -46.71 -39.36
CA CYS C 314 -24.26 -46.90 -37.96
C CYS C 314 -24.96 -48.09 -37.32
N LEU C 315 -26.29 -48.11 -37.48
CA LEU C 315 -27.12 -49.14 -36.90
C LEU C 315 -27.36 -50.28 -37.89
N ALA C 316 -26.39 -50.51 -38.77
CA ALA C 316 -26.48 -51.56 -39.76
C ALA C 316 -26.73 -52.90 -39.06
N ASN C 317 -27.71 -53.64 -39.55
CA ASN C 317 -28.12 -54.90 -38.94
C ASN C 317 -28.05 -56.09 -39.90
N PRO C 318 -27.34 -57.16 -39.52
CA PRO C 318 -26.57 -57.23 -38.26
C PRO C 318 -25.24 -56.51 -38.38
N ALA C 319 -24.81 -55.86 -37.30
CA ALA C 319 -23.56 -55.14 -37.30
C ALA C 319 -22.40 -56.11 -37.41
N VAL C 320 -21.72 -56.13 -38.56
CA VAL C 320 -20.61 -57.05 -38.77
C VAL C 320 -19.29 -56.30 -38.84
N PRO C 321 -18.44 -56.50 -37.83
CA PRO C 321 -17.24 -55.67 -37.64
C PRO C 321 -16.23 -55.81 -38.77
N TRP C 322 -15.59 -54.71 -39.14
CA TRP C 322 -14.52 -54.77 -40.11
C TRP C 322 -13.29 -55.39 -39.47
N GLY C 323 -12.78 -56.45 -40.10
CA GLY C 323 -11.73 -57.26 -39.53
C GLY C 323 -10.48 -56.53 -39.10
N GLN C 324 -9.93 -55.72 -40.00
CA GLN C 324 -8.67 -55.03 -39.72
C GLN C 324 -8.74 -54.15 -38.46
N GLY C 325 -9.95 -53.78 -38.06
CA GLY C 325 -10.13 -52.99 -36.86
C GLY C 325 -9.40 -53.59 -35.67
N VAL C 326 -9.45 -54.91 -35.57
CA VAL C 326 -8.82 -55.64 -34.48
C VAL C 326 -7.32 -55.42 -34.43
N GLU C 327 -6.71 -55.26 -35.60
CA GLU C 327 -5.27 -55.07 -35.69
C GLU C 327 -4.90 -53.61 -35.43
N ILE C 328 -5.77 -52.70 -35.86
CA ILE C 328 -5.60 -51.28 -35.55
C ILE C 328 -5.54 -51.10 -34.03
N GLU C 329 -6.45 -51.77 -33.35
CA GLU C 329 -6.54 -51.73 -31.89
C GLU C 329 -5.25 -52.21 -31.24
N ARG C 330 -4.58 -53.16 -31.88
CA ARG C 330 -3.33 -53.70 -31.35
C ARG C 330 -2.16 -52.75 -31.57
N ALA C 331 -2.10 -52.15 -32.75
CA ALA C 331 -1.06 -51.17 -33.04
C ALA C 331 -1.03 -50.14 -31.91
N LEU C 332 -2.18 -49.54 -31.63
CA LEU C 332 -2.30 -48.56 -30.56
C LEU C 332 -1.79 -49.11 -29.23
N LYS C 333 -2.41 -50.19 -28.77
CA LYS C 333 -2.09 -50.76 -27.45
C LYS C 333 -0.68 -51.32 -27.35
N GLN C 334 0.11 -51.15 -28.40
CA GLN C 334 1.47 -51.71 -28.41
C GLN C 334 2.52 -50.65 -28.75
N VAL C 335 2.32 -49.44 -28.24
CA VAL C 335 3.28 -48.36 -28.44
C VAL C 335 3.94 -47.98 -27.12
N GLN C 336 5.26 -47.84 -27.13
CA GLN C 336 5.99 -47.44 -25.93
C GLN C 336 7.06 -46.39 -26.25
N VAL C 337 6.71 -45.12 -26.08
CA VAL C 337 7.68 -44.03 -26.26
C VAL C 337 7.52 -42.97 -25.18
N GLU C 338 8.21 -41.85 -25.35
CA GLU C 338 8.19 -40.78 -24.37
C GLU C 338 7.47 -39.54 -24.87
N GLY C 339 6.71 -38.91 -23.97
CA GLY C 339 6.00 -37.68 -24.28
C GLY C 339 5.88 -36.85 -23.02
N LEU C 340 4.98 -35.87 -23.04
CA LEU C 340 4.78 -35.01 -21.87
C LEU C 340 4.26 -35.79 -20.66
N SER C 341 3.65 -36.95 -20.93
CA SER C 341 3.08 -37.77 -19.87
C SER C 341 4.13 -38.66 -19.21
N GLY C 342 5.39 -38.42 -19.53
CA GLY C 342 6.46 -39.28 -19.07
C GLY C 342 6.53 -40.51 -19.97
N ASN C 343 6.76 -41.67 -19.37
CA ASN C 343 6.81 -42.91 -20.14
C ASN C 343 5.41 -43.38 -20.52
N ILE C 344 5.04 -43.16 -21.78
CA ILE C 344 3.74 -43.58 -22.28
C ILE C 344 3.72 -45.06 -22.64
N LYS C 345 3.00 -45.84 -21.86
CA LYS C 345 2.88 -47.28 -22.11
C LYS C 345 1.47 -47.76 -21.78
N PHE C 346 0.99 -48.73 -22.56
CA PHE C 346 -0.36 -49.24 -22.41
C PHE C 346 -0.37 -50.67 -21.95
N ASP C 347 -1.54 -51.16 -21.54
CA ASP C 347 -1.73 -52.58 -21.28
C ASP C 347 -2.88 -53.11 -22.14
N GLN C 348 -3.10 -54.42 -22.11
CA GLN C 348 -4.07 -55.08 -22.96
C GLN C 348 -5.42 -54.37 -23.03
N ASN C 349 -5.78 -53.69 -21.95
CA ASN C 349 -7.11 -53.11 -21.82
C ASN C 349 -7.16 -51.61 -22.11
N GLY C 350 -6.06 -51.08 -22.65
CA GLY C 350 -5.98 -49.68 -22.99
C GLY C 350 -5.59 -48.85 -21.80
N LYS C 351 -5.58 -49.47 -20.64
CA LYS C 351 -5.20 -48.83 -19.38
C LYS C 351 -3.70 -48.56 -19.36
N ARG C 352 -3.31 -47.40 -18.84
CA ARG C 352 -1.91 -47.02 -18.79
C ARG C 352 -1.09 -47.83 -17.80
N ILE C 353 0.16 -48.12 -18.18
CA ILE C 353 1.10 -48.81 -17.30
C ILE C 353 2.51 -48.25 -17.54
N ASN C 354 3.46 -48.62 -16.68
CA ASN C 354 4.81 -48.08 -16.77
C ASN C 354 4.83 -46.54 -16.76
N TYR C 355 3.84 -45.96 -16.08
CA TYR C 355 3.75 -44.51 -15.95
C TYR C 355 4.08 -44.09 -14.53
N THR C 356 4.67 -42.91 -14.37
CA THR C 356 4.97 -42.40 -13.03
C THR C 356 4.23 -41.11 -12.74
N ILE C 357 3.75 -40.97 -11.52
CA ILE C 357 3.07 -39.74 -11.09
C ILE C 357 3.92 -38.92 -10.13
N ASN C 358 4.03 -37.62 -10.39
CA ASN C 358 4.71 -36.73 -9.48
C ASN C 358 3.81 -36.35 -8.31
N ILE C 359 4.36 -36.40 -7.10
CA ILE C 359 3.63 -35.96 -5.93
C ILE C 359 4.19 -34.62 -5.44
N MET C 360 3.40 -33.56 -5.62
CA MET C 360 3.83 -32.21 -5.27
C MET C 360 3.20 -31.71 -3.98
N GLU C 361 3.91 -30.87 -3.26
CA GLU C 361 3.35 -30.14 -2.13
C GLU C 361 3.52 -28.64 -2.35
N LEU C 362 2.64 -27.86 -1.73
CA LEU C 362 2.69 -26.41 -1.87
C LEU C 362 3.46 -25.80 -0.72
N LYS C 363 4.45 -24.96 -1.05
CA LYS C 363 5.22 -24.22 -0.06
C LYS C 363 5.05 -22.74 -0.30
N THR C 364 5.55 -21.92 0.62
CA THR C 364 5.48 -20.48 0.43
C THR C 364 6.29 -20.04 -0.78
N ASN C 365 7.26 -20.87 -1.17
CA ASN C 365 8.12 -20.56 -2.30
C ASN C 365 7.66 -21.22 -3.61
N GLY C 366 6.50 -21.85 -3.56
CA GLY C 366 5.93 -22.47 -4.75
C GLY C 366 5.75 -23.97 -4.60
N PRO C 367 5.00 -24.58 -5.53
CA PRO C 367 4.80 -26.03 -5.48
C PRO C 367 6.11 -26.73 -5.71
N ARG C 368 6.48 -27.62 -4.80
CA ARG C 368 7.69 -28.41 -4.96
C ARG C 368 7.34 -29.85 -5.29
N LYS C 369 8.34 -30.64 -5.67
CA LYS C 369 8.16 -32.07 -5.85
C LYS C 369 8.65 -32.79 -4.60
N ILE C 370 7.96 -33.87 -4.23
CA ILE C 370 8.29 -34.59 -3.01
C ILE C 370 8.70 -36.02 -3.31
N GLY C 371 8.42 -36.45 -4.53
CA GLY C 371 8.76 -37.79 -4.95
C GLY C 371 7.86 -38.26 -6.08
N TYR C 372 7.47 -39.53 -6.03
CA TYR C 372 6.65 -40.10 -7.08
C TYR C 372 5.91 -41.34 -6.61
N TRP C 373 4.87 -41.69 -7.36
CA TRP C 373 4.11 -42.92 -7.10
C TRP C 373 4.44 -43.95 -8.17
N SER C 374 4.18 -45.22 -7.86
CA SER C 374 4.49 -46.30 -8.79
C SER C 374 3.60 -47.52 -8.53
N GLU C 375 3.25 -48.24 -9.59
CA GLU C 375 2.48 -49.48 -9.45
C GLU C 375 3.24 -50.42 -8.52
N VAL C 376 4.54 -50.47 -8.73
CA VAL C 376 5.41 -51.37 -7.99
C VAL C 376 5.93 -50.73 -6.70
N ASP C 377 6.60 -49.58 -6.84
CA ASP C 377 7.23 -48.92 -5.70
C ASP C 377 6.26 -48.10 -4.86
N LYS C 378 5.13 -47.73 -5.45
CA LYS C 378 4.15 -46.90 -4.77
C LYS C 378 4.75 -45.55 -4.35
N MET C 379 4.97 -45.38 -3.04
CA MET C 379 5.34 -44.08 -2.49
C MET C 379 6.82 -43.96 -2.15
N VAL C 380 7.60 -43.34 -3.05
CA VAL C 380 9.03 -43.17 -2.81
C VAL C 380 9.46 -41.70 -2.81
N VAL C 381 9.96 -41.23 -1.67
CA VAL C 381 10.35 -39.83 -1.54
C VAL C 381 11.63 -39.49 -2.31
N THR C 382 11.65 -38.32 -2.91
CA THR C 382 12.84 -37.83 -3.60
C THR C 382 13.60 -36.88 -2.68
N LEU C 383 14.35 -37.46 -1.74
CA LEU C 383 15.12 -36.69 -0.78
C LEU C 383 16.24 -35.91 -1.44
#